data_5UL5
#
_entry.id   5UL5
#
_cell.length_a   175.730
_cell.length_b   175.730
_cell.length_c   86.370
_cell.angle_alpha   90.00
_cell.angle_beta   90.00
_cell.angle_gamma   120.00
#
_symmetry.space_group_name_H-M   'P 65'
#
loop_
_entity.id
_entity.type
_entity.pdbx_description
1 polymer 'Retinoid isomerohydrolase'
2 non-polymer 'FE (II) ION'
3 non-polymer 'PALMITIC ACID'
4 non-polymer (1R)-3-amino-1-{3-[(2-propylpentyl)oxy]phenyl}propan-1-ol
5 non-polymer 'SODIUM ION'
6 non-polymer 1-(2-METHOXY-ETHOXY)-2-{2-[2-(2-METHOXY-ETHOXY]-ETHOXY}-ETHANE
7 water water
#
_entity_poly.entity_id   1
_entity_poly.type   'polypeptide(L)'
_entity_poly.pdbx_seq_one_letter_code
;MSSQVEHPAGGYKKLFETVEELSSPLTAHVTGRIPLWLTGSLLRCGPGLFEVGSEPFYHLFDGQALLHKFDFKEGHVTYH
RRFIRTDAYVRAMTEKRIVITEFGTCAFPDPCKNIFSRFFSYFRGVEVTDNALVNIYPVGEDYYACTETNFITKVNPETL
ETIKQVDLCNYVSVNGATAHPHIENDGTVYNIGNCFGKNFSIAYNIVKIPPLQADKEDPISKSEIVVQFPCSDRFKPSYV
HSFGLTPNYIVFVETPVKINLFKFLSSWSLWGANYMDCFESNETMGVWLHIADKKRKKYINNKYRTSPFNLFHHINTYED
HEFLIVDLCCWKGFEFVYNYLYLANLRENWEEVKKNARKAPQPEVRRYVLPLNIDKADTGKNLVTLPNTTATAILCSDET
IWLEPEVLFSGPRQAFEFPQINYQKYGGKPYTYAYGLGLNHFVPDRLCKLNVKTKETWVWQEPDSYPSEPIFVSHPDALE
EDDGVVLSVVVSPGAGQKPAYLLILNAKDLSEVARAEVEINIPVTFHGLFKKS
;
_entity_poly.pdbx_strand_id   A,B
#
loop_
_chem_comp.id
_chem_comp.type
_chem_comp.name
_chem_comp.formula
8D7 non-polymer (1R)-3-amino-1-{3-[(2-propylpentyl)oxy]phenyl}propan-1-ol 'C17 H29 N O2'
FE2 non-polymer 'FE (II) ION' 'Fe 2'
NA non-polymer 'SODIUM ION' 'Na 1'
PG6 non-polymer 1-(2-METHOXY-ETHOXY)-2-{2-[2-(2-METHOXY-ETHOXY]-ETHOXY}-ETHANE 'C12 H26 O6'
PLM non-polymer 'PALMITIC ACID' 'C16 H32 O2'
#
# COMPACT_ATOMS: atom_id res chain seq x y z
CA MET A 1 -8.69 -1.95 -13.35
C MET A 1 -9.86 -1.15 -12.81
N SER A 2 -9.75 0.17 -12.93
CA SER A 2 -10.82 1.14 -12.58
C SER A 2 -11.87 1.26 -13.70
N SER A 3 -13.07 1.74 -13.31
CA SER A 3 -14.13 2.04 -14.25
C SER A 3 -13.77 3.35 -14.98
N GLN A 4 -14.20 3.45 -16.24
CA GLN A 4 -14.18 4.72 -16.98
C GLN A 4 -15.60 5.25 -17.32
N VAL A 5 -16.59 4.93 -16.49
CA VAL A 5 -17.99 5.20 -16.81
C VAL A 5 -18.72 5.76 -15.58
N GLU A 6 -19.57 6.77 -15.81
CA GLU A 6 -20.60 7.23 -14.86
C GLU A 6 -21.92 6.55 -15.21
N HIS A 7 -22.87 6.61 -14.28
CA HIS A 7 -24.17 5.91 -14.38
C HIS A 7 -25.39 6.82 -14.10
N PRO A 8 -25.44 8.01 -14.73
CA PRO A 8 -26.55 8.96 -14.43
C PRO A 8 -27.94 8.41 -14.81
N ALA A 9 -28.04 7.51 -15.78
CA ALA A 9 -29.34 6.86 -16.08
C ALA A 9 -29.91 5.98 -14.98
N GLY A 10 -29.14 5.67 -13.93
CA GLY A 10 -29.63 4.83 -12.81
C GLY A 10 -29.99 3.37 -13.14
N GLY A 11 -29.47 2.82 -14.25
CA GLY A 11 -29.87 1.47 -14.69
C GLY A 11 -29.57 0.36 -13.69
N TYR A 12 -28.54 0.56 -12.87
CA TYR A 12 -28.17 -0.36 -11.78
C TYR A 12 -29.31 -0.68 -10.82
N LYS A 13 -30.35 0.18 -10.77
CA LYS A 13 -31.58 -0.13 -10.00
C LYS A 13 -32.27 -1.44 -10.36
N LYS A 14 -32.16 -1.85 -11.62
CA LYS A 14 -32.67 -3.14 -12.08
C LYS A 14 -32.07 -4.39 -11.40
N LEU A 15 -30.89 -4.23 -10.81
CA LEU A 15 -30.25 -5.28 -10.02
C LEU A 15 -31.05 -5.61 -8.78
N PHE A 16 -31.84 -4.65 -8.29
CA PHE A 16 -32.59 -4.79 -7.04
C PHE A 16 -34.11 -4.76 -7.22
N GLU A 17 -34.58 -5.20 -8.37
CA GLU A 17 -35.99 -5.23 -8.71
C GLU A 17 -36.46 -6.70 -8.80
N THR A 18 -37.56 -6.99 -8.10
CA THR A 18 -38.21 -8.31 -8.15
C THR A 18 -38.42 -8.87 -9.58
N VAL A 19 -38.22 -10.17 -9.74
CA VAL A 19 -38.48 -10.86 -11.01
C VAL A 19 -39.36 -12.08 -10.73
N GLU A 20 -39.90 -12.63 -11.81
CA GLU A 20 -40.68 -13.86 -11.72
C GLU A 20 -39.80 -15.05 -12.08
N GLU A 21 -39.99 -16.19 -11.41
CA GLU A 21 -39.32 -17.42 -11.85
C GLU A 21 -39.89 -17.90 -13.19
N LEU A 22 -39.20 -18.86 -13.77
CA LEU A 22 -39.64 -19.43 -15.03
C LEU A 22 -40.21 -20.82 -14.82
N SER A 23 -41.11 -21.19 -15.72
CA SER A 23 -41.71 -22.50 -15.75
C SER A 23 -40.76 -23.55 -16.32
N SER A 24 -40.01 -23.17 -17.34
CA SER A 24 -38.98 -24.04 -17.92
C SER A 24 -37.96 -23.17 -18.67
N PRO A 25 -36.85 -23.75 -19.16
CA PRO A 25 -35.80 -22.88 -19.74
C PRO A 25 -36.20 -22.05 -20.97
N LEU A 26 -35.63 -20.84 -21.09
CA LEU A 26 -35.68 -20.03 -22.30
C LEU A 26 -34.45 -20.27 -23.14
N THR A 27 -34.59 -20.10 -24.44
CA THR A 27 -33.45 -20.00 -25.33
C THR A 27 -32.81 -18.65 -25.17
N ALA A 28 -31.48 -18.64 -25.05
CA ALA A 28 -30.71 -17.39 -25.06
C ALA A 28 -30.15 -17.23 -26.45
N HIS A 29 -30.23 -16.03 -26.99
CA HIS A 29 -29.93 -15.77 -28.39
C HIS A 29 -28.45 -15.37 -28.48
N VAL A 30 -27.69 -16.23 -29.15
CA VAL A 30 -26.24 -16.12 -29.17
C VAL A 30 -25.78 -15.16 -30.28
N THR A 31 -24.85 -14.25 -29.95
CA THR A 31 -24.03 -13.50 -30.92
C THR A 31 -22.55 -13.87 -30.66
N GLY A 32 -21.76 -14.01 -31.74
CA GLY A 32 -20.45 -14.63 -31.66
C GLY A 32 -20.57 -16.14 -31.59
N ARG A 33 -19.53 -16.79 -31.13
CA ARG A 33 -19.43 -18.25 -31.13
C ARG A 33 -19.09 -18.82 -29.71
N ILE A 34 -20.06 -19.49 -29.09
CA ILE A 34 -19.83 -20.19 -27.83
C ILE A 34 -18.83 -21.32 -28.16
N PRO A 35 -17.69 -21.40 -27.44
CA PRO A 35 -16.75 -22.53 -27.69
C PRO A 35 -17.44 -23.91 -27.59
N LEU A 36 -17.11 -24.81 -28.52
CA LEU A 36 -17.77 -26.14 -28.56
C LEU A 36 -17.32 -27.04 -27.43
N TRP A 37 -16.16 -26.76 -26.83
CA TRP A 37 -15.73 -27.45 -25.60
C TRP A 37 -16.47 -27.04 -24.31
N LEU A 38 -17.28 -25.98 -24.38
CA LEU A 38 -18.00 -25.48 -23.19
C LEU A 38 -19.34 -26.21 -23.03
N THR A 39 -19.32 -27.21 -22.14
CA THR A 39 -20.44 -28.12 -21.91
C THR A 39 -20.75 -28.20 -20.39
N GLY A 40 -21.91 -27.68 -19.98
CA GLY A 40 -22.31 -27.73 -18.59
C GLY A 40 -23.19 -26.57 -18.21
N SER A 41 -23.19 -26.24 -16.91
CA SER A 41 -24.16 -25.31 -16.33
C SER A 41 -23.47 -24.26 -15.48
N LEU A 42 -23.72 -23.00 -15.78
CA LEU A 42 -23.38 -21.93 -14.85
C LEU A 42 -24.52 -21.80 -13.86
N LEU A 43 -24.26 -22.14 -12.59
CA LEU A 43 -25.25 -22.01 -11.53
C LEU A 43 -24.89 -20.84 -10.60
N ARG A 44 -25.86 -19.96 -10.30
CA ARG A 44 -25.61 -18.76 -9.48
C ARG A 44 -26.80 -18.43 -8.60
N CYS A 45 -26.52 -17.83 -7.46
CA CYS A 45 -27.54 -17.45 -6.48
C CYS A 45 -27.54 -15.94 -6.23
N GLY A 46 -28.74 -15.41 -6.00
CA GLY A 46 -28.94 -14.01 -5.65
C GLY A 46 -30.34 -13.80 -5.06
N PRO A 47 -30.62 -12.59 -4.56
CA PRO A 47 -32.00 -12.26 -4.21
C PRO A 47 -32.83 -12.04 -5.48
N GLY A 48 -34.09 -12.48 -5.42
CA GLY A 48 -35.01 -12.29 -6.56
C GLY A 48 -36.36 -11.69 -6.21
N LEU A 49 -36.73 -11.68 -4.93
CA LEU A 49 -37.98 -11.12 -4.45
C LEU A 49 -37.67 -10.14 -3.34
N PHE A 50 -37.88 -8.86 -3.62
CA PHE A 50 -37.39 -7.78 -2.74
C PHE A 50 -38.47 -7.20 -1.86
N GLU A 51 -39.69 -7.75 -1.97
CA GLU A 51 -40.80 -7.44 -1.06
C GLU A 51 -41.83 -8.58 -1.05
N VAL A 52 -42.48 -8.81 0.09
CA VAL A 52 -43.62 -9.73 0.20
C VAL A 52 -44.89 -8.87 0.30
N GLY A 53 -45.53 -8.68 -0.84
CA GLY A 53 -46.71 -7.85 -0.94
C GLY A 53 -46.29 -6.40 -0.84
N SER A 54 -46.77 -5.76 0.22
CA SER A 54 -46.43 -4.38 0.50
C SER A 54 -45.37 -4.26 1.62
N GLU A 55 -44.94 -5.37 2.22
CA GLU A 55 -43.84 -5.36 3.18
C GLU A 55 -42.47 -5.46 2.47
N PRO A 56 -41.61 -4.42 2.63
CA PRO A 56 -40.32 -4.39 1.91
C PRO A 56 -39.21 -5.12 2.68
N PHE A 57 -38.32 -5.77 1.95
CA PHE A 57 -37.01 -6.14 2.50
C PHE A 57 -36.08 -4.89 2.44
N TYR A 58 -35.28 -4.65 3.48
CA TYR A 58 -34.42 -3.42 3.54
C TYR A 58 -32.96 -3.55 3.04
N HIS A 59 -32.35 -4.72 3.24
CA HIS A 59 -30.92 -4.91 2.94
C HIS A 59 -30.66 -5.74 1.70
N LEU A 60 -29.48 -5.50 1.12
CA LEU A 60 -29.01 -6.25 -0.03
C LEU A 60 -29.10 -7.78 0.16
N PHE A 61 -28.96 -8.27 1.39
CA PHE A 61 -28.83 -9.69 1.66
C PHE A 61 -30.14 -10.28 2.24
N ASP A 62 -31.28 -9.61 1.97
CA ASP A 62 -32.60 -9.97 2.51
C ASP A 62 -33.57 -10.61 1.50
N GLY A 63 -33.49 -10.19 0.26
CA GLY A 63 -34.36 -10.71 -0.77
C GLY A 63 -34.25 -12.20 -0.94
N GLN A 64 -35.34 -12.81 -1.41
CA GLN A 64 -35.48 -14.27 -1.34
C GLN A 64 -34.66 -14.96 -2.41
N ALA A 65 -33.92 -15.98 -1.98
CA ALA A 65 -33.00 -16.68 -2.84
C ALA A 65 -33.67 -17.16 -4.12
N LEU A 66 -32.98 -16.85 -5.21
CA LEU A 66 -33.29 -17.23 -6.56
C LEU A 66 -32.09 -17.99 -7.11
N LEU A 67 -32.33 -19.19 -7.66
CA LEU A 67 -31.31 -20.04 -8.25
C LEU A 67 -31.39 -19.91 -9.75
N HIS A 68 -30.27 -19.56 -10.37
CA HIS A 68 -30.17 -19.31 -11.81
C HIS A 68 -29.31 -20.37 -12.47
N LYS A 69 -29.61 -20.69 -13.73
CA LYS A 69 -28.80 -21.65 -14.50
C LYS A 69 -28.71 -21.28 -15.96
N PHE A 70 -27.48 -21.12 -16.47
CA PHE A 70 -27.21 -21.09 -17.91
C PHE A 70 -26.58 -22.39 -18.32
N ASP A 71 -27.18 -23.06 -19.31
CA ASP A 71 -26.70 -24.34 -19.86
C ASP A 71 -26.04 -24.12 -21.17
N PHE A 72 -24.94 -24.81 -21.40
CA PHE A 72 -24.13 -24.68 -22.59
C PHE A 72 -23.99 -26.07 -23.20
N LYS A 73 -24.42 -26.23 -24.44
CA LYS A 73 -24.34 -27.52 -25.15
C LYS A 73 -24.24 -27.26 -26.65
N GLU A 74 -23.17 -27.74 -27.27
CA GLU A 74 -22.97 -27.65 -28.72
C GLU A 74 -23.24 -26.25 -29.31
N GLY A 75 -22.75 -25.24 -28.57
CA GLY A 75 -22.81 -23.86 -28.99
C GLY A 75 -24.14 -23.13 -28.72
N HIS A 76 -25.06 -23.78 -27.99
CA HIS A 76 -26.42 -23.28 -27.70
C HIS A 76 -26.53 -23.03 -26.21
N VAL A 77 -27.34 -22.04 -25.85
CA VAL A 77 -27.47 -21.61 -24.44
C VAL A 77 -28.93 -21.51 -24.05
N THR A 78 -29.25 -22.07 -22.89
CA THR A 78 -30.54 -21.83 -22.26
C THR A 78 -30.34 -21.15 -20.91
N TYR A 79 -31.39 -20.47 -20.46
CA TYR A 79 -31.45 -19.82 -19.17
C TYR A 79 -32.71 -20.27 -18.44
N HIS A 80 -32.57 -20.46 -17.14
CA HIS A 80 -33.67 -20.93 -16.30
C HIS A 80 -33.45 -20.43 -14.88
N ARG A 81 -34.54 -20.19 -14.16
CA ARG A 81 -34.43 -19.78 -12.76
C ARG A 81 -35.65 -20.20 -11.96
N ARG A 82 -35.43 -20.54 -10.70
CA ARG A 82 -36.46 -20.92 -9.72
C ARG A 82 -36.11 -20.38 -8.37
N PHE A 83 -37.12 -19.91 -7.65
CA PHE A 83 -36.97 -19.56 -6.25
C PHE A 83 -36.68 -20.82 -5.44
N ILE A 84 -35.81 -20.68 -4.46
CA ILE A 84 -35.46 -21.80 -3.58
C ILE A 84 -36.59 -21.87 -2.58
N ARG A 85 -37.18 -23.05 -2.44
CA ARG A 85 -38.29 -23.28 -1.47
C ARG A 85 -37.74 -23.47 -0.06
N THR A 86 -37.20 -22.41 0.48
CA THR A 86 -36.69 -22.39 1.83
C THR A 86 -37.88 -22.25 2.77
N ASP A 87 -37.67 -22.43 4.06
CA ASP A 87 -38.68 -22.06 5.07
C ASP A 87 -39.06 -20.59 4.92
N ALA A 88 -38.07 -19.71 4.80
CA ALA A 88 -38.34 -18.28 4.67
C ALA A 88 -39.28 -17.99 3.53
N TYR A 89 -39.04 -18.61 2.39
CA TYR A 89 -39.82 -18.32 1.18
C TYR A 89 -41.25 -18.93 1.24
N VAL A 90 -41.31 -20.20 1.63
CA VAL A 90 -42.53 -21.00 1.70
C VAL A 90 -43.50 -20.38 2.69
N ARG A 91 -43.00 -20.09 3.89
CA ARG A 91 -43.82 -19.45 4.91
C ARG A 91 -44.26 -18.02 4.48
N ALA A 92 -43.41 -17.31 3.74
CA ALA A 92 -43.81 -16.02 3.24
C ALA A 92 -44.94 -16.16 2.23
N MET A 93 -44.85 -17.16 1.35
CA MET A 93 -45.89 -17.38 0.34
C MET A 93 -47.22 -17.85 0.99
N THR A 94 -47.14 -18.72 2.00
CA THR A 94 -48.30 -19.20 2.74
C THR A 94 -48.97 -18.06 3.47
N GLU A 95 -48.21 -17.37 4.34
CA GLU A 95 -48.78 -16.31 5.21
C GLU A 95 -48.90 -14.95 4.55
N LYS A 96 -48.48 -14.82 3.29
CA LYS A 96 -48.53 -13.55 2.53
C LYS A 96 -47.95 -12.34 3.27
N ARG A 97 -46.84 -12.56 3.97
CA ARG A 97 -46.12 -11.51 4.67
C ARG A 97 -44.66 -11.97 4.91
N ILE A 98 -43.83 -11.11 5.49
CA ILE A 98 -42.49 -11.51 5.89
C ILE A 98 -42.58 -12.24 7.22
N VAL A 99 -42.24 -13.53 7.23
CA VAL A 99 -42.36 -14.34 8.42
C VAL A 99 -41.04 -14.52 9.15
N ILE A 100 -39.97 -14.81 8.43
CA ILE A 100 -38.65 -14.97 9.04
C ILE A 100 -37.86 -13.65 8.99
N THR A 101 -37.18 -13.32 10.07
CA THR A 101 -36.27 -12.18 10.07
C THR A 101 -35.06 -12.45 9.15
N GLU A 102 -34.81 -11.53 8.22
CA GLU A 102 -33.63 -11.59 7.36
C GLU A 102 -32.52 -10.71 7.91
N PHE A 103 -31.34 -10.83 7.29
CA PHE A 103 -30.13 -10.08 7.69
C PHE A 103 -30.41 -8.63 8.17
N GLY A 104 -31.05 -7.83 7.35
CA GLY A 104 -31.41 -6.46 7.72
C GLY A 104 -32.91 -6.11 7.69
N THR A 105 -33.79 -7.10 7.89
CA THR A 105 -35.24 -6.86 7.90
C THR A 105 -35.88 -7.71 8.99
N CYS A 106 -36.32 -7.05 10.05
N CYS A 106 -36.32 -7.04 10.06
CA CYS A 106 -37.05 -7.71 11.14
CA CYS A 106 -37.07 -7.70 11.13
C CYS A 106 -38.47 -8.08 10.67
C CYS A 106 -38.47 -8.07 10.66
N ALA A 107 -38.91 -9.28 10.99
CA ALA A 107 -40.32 -9.68 10.77
C ALA A 107 -41.16 -9.34 12.01
N PHE A 108 -42.34 -8.73 11.83
CA PHE A 108 -43.19 -8.35 12.97
C PHE A 108 -44.30 -9.35 13.10
N VAL A 126 -36.92 -17.04 18.33
CA VAL A 126 -37.30 -16.96 16.92
C VAL A 126 -36.31 -17.70 15.97
N GLU A 127 -36.78 -18.01 14.77
CA GLU A 127 -36.13 -18.91 13.83
C GLU A 127 -35.05 -18.19 13.00
N VAL A 128 -33.93 -18.87 12.81
CA VAL A 128 -32.80 -18.38 12.01
C VAL A 128 -33.16 -18.55 10.53
N THR A 129 -32.83 -17.53 9.73
CA THR A 129 -33.11 -17.60 8.29
C THR A 129 -32.31 -18.71 7.59
N ASP A 130 -32.95 -19.30 6.59
CA ASP A 130 -32.34 -20.30 5.72
C ASP A 130 -32.43 -19.80 4.27
N ASN A 131 -32.59 -18.48 4.11
CA ASN A 131 -32.63 -17.85 2.76
C ASN A 131 -31.24 -17.97 2.07
N ALA A 132 -31.11 -19.00 1.22
CA ALA A 132 -29.80 -19.40 0.66
C ALA A 132 -29.46 -18.61 -0.60
N LEU A 133 -29.26 -17.30 -0.44
CA LEU A 133 -29.17 -16.40 -1.60
C LEU A 133 -27.75 -16.09 -2.11
N VAL A 134 -26.73 -16.68 -1.48
CA VAL A 134 -25.36 -16.24 -1.62
C VAL A 134 -24.53 -17.13 -2.56
N ASN A 135 -24.54 -18.44 -2.32
CA ASN A 135 -23.71 -19.34 -3.12
C ASN A 135 -24.33 -20.74 -3.23
N ILE A 136 -23.68 -21.58 -4.02
CA ILE A 136 -23.98 -22.98 -4.22
C ILE A 136 -22.65 -23.76 -4.37
N TYR A 137 -22.58 -24.93 -3.73
CA TYR A 137 -21.39 -25.76 -3.76
C TYR A 137 -21.67 -27.26 -3.65
N PRO A 138 -20.75 -28.08 -4.19
CA PRO A 138 -20.89 -29.53 -4.17
C PRO A 138 -20.36 -30.17 -2.88
N VAL A 139 -21.15 -31.11 -2.36
CA VAL A 139 -20.75 -32.05 -1.31
C VAL A 139 -21.14 -33.46 -1.82
N GLY A 140 -20.17 -34.40 -1.84
CA GLY A 140 -20.41 -35.70 -2.47
C GLY A 140 -20.98 -35.47 -3.87
N GLU A 141 -22.11 -36.14 -4.15
CA GLU A 141 -22.82 -35.96 -5.43
C GLU A 141 -23.93 -34.93 -5.32
N ASP A 142 -24.04 -34.21 -4.21
CA ASP A 142 -25.12 -33.22 -4.00
C ASP A 142 -24.65 -31.76 -4.19
N TYR A 143 -25.61 -30.87 -4.42
CA TYR A 143 -25.34 -29.44 -4.45
C TYR A 143 -26.16 -28.74 -3.41
N TYR A 144 -25.52 -27.78 -2.73
CA TYR A 144 -26.16 -27.03 -1.67
C TYR A 144 -26.04 -25.55 -1.93
N ALA A 145 -27.18 -24.88 -1.93
CA ALA A 145 -27.29 -23.43 -1.86
C ALA A 145 -27.11 -23.05 -0.42
N CYS A 146 -26.49 -21.90 -0.16
CA CYS A 146 -26.26 -21.46 1.20
C CYS A 146 -26.37 -19.96 1.37
N THR A 147 -26.54 -19.58 2.64
CA THR A 147 -26.28 -18.24 3.10
C THR A 147 -25.09 -18.39 4.07
N GLU A 148 -25.11 -17.82 5.26
CA GLU A 148 -24.03 -17.98 6.24
C GLU A 148 -24.48 -18.50 7.60
N THR A 149 -25.70 -19.02 7.65
CA THR A 149 -26.28 -19.55 8.90
C THR A 149 -26.06 -21.05 9.01
N ASN A 150 -26.69 -21.67 10.01
CA ASN A 150 -26.63 -23.14 10.20
C ASN A 150 -27.43 -23.95 9.18
N PHE A 151 -28.34 -23.31 8.47
CA PHE A 151 -29.16 -23.93 7.43
C PHE A 151 -28.58 -23.84 6.01
N ILE A 152 -28.32 -24.98 5.39
CA ILE A 152 -28.02 -25.01 3.95
C ILE A 152 -29.10 -25.81 3.25
N THR A 153 -29.31 -25.55 1.98
CA THR A 153 -30.44 -26.10 1.27
C THR A 153 -29.97 -26.93 0.09
N LYS A 154 -30.25 -28.25 0.15
CA LYS A 154 -29.97 -29.14 -0.95
C LYS A 154 -30.89 -28.82 -2.14
N VAL A 155 -30.29 -28.70 -3.34
CA VAL A 155 -31.02 -28.36 -4.55
C VAL A 155 -30.61 -29.25 -5.73
N ASN A 156 -31.50 -29.41 -6.68
CA ASN A 156 -31.25 -30.22 -7.84
C ASN A 156 -30.64 -29.34 -8.95
N PRO A 157 -29.39 -29.62 -9.38
CA PRO A 157 -28.68 -28.75 -10.35
C PRO A 157 -29.20 -28.76 -11.77
N GLU A 158 -30.03 -29.74 -12.11
CA GLU A 158 -30.58 -29.88 -13.45
C GLU A 158 -31.97 -29.26 -13.56
N THR A 159 -32.84 -29.47 -12.57
CA THR A 159 -34.22 -28.96 -12.60
C THR A 159 -34.40 -27.66 -11.82
N LEU A 160 -33.47 -27.39 -10.90
CA LEU A 160 -33.51 -26.27 -9.95
C LEU A 160 -34.53 -26.46 -8.85
N GLU A 161 -35.00 -27.68 -8.66
CA GLU A 161 -35.94 -27.96 -7.56
C GLU A 161 -35.25 -28.00 -6.21
N THR A 162 -35.99 -27.63 -5.19
CA THR A 162 -35.49 -27.65 -3.83
C THR A 162 -35.74 -29.04 -3.25
N ILE A 163 -34.75 -29.63 -2.63
CA ILE A 163 -34.83 -31.03 -2.20
C ILE A 163 -35.05 -31.08 -0.70
N LYS A 164 -34.15 -30.47 0.06
CA LYS A 164 -34.32 -30.39 1.50
C LYS A 164 -33.48 -29.33 2.19
N GLN A 165 -33.86 -29.07 3.44
CA GLN A 165 -33.14 -28.25 4.37
C GLN A 165 -32.21 -29.12 5.18
N VAL A 166 -31.00 -28.65 5.45
CA VAL A 166 -30.04 -29.34 6.32
C VAL A 166 -29.59 -28.35 7.37
N ASP A 167 -29.60 -28.81 8.62
CA ASP A 167 -29.23 -28.01 9.74
C ASP A 167 -27.87 -28.56 10.14
N LEU A 168 -26.82 -27.77 9.94
CA LEU A 168 -25.45 -28.19 10.29
C LEU A 168 -25.31 -28.47 11.76
N CYS A 169 -26.12 -27.83 12.59
CA CYS A 169 -26.11 -28.10 14.05
C CYS A 169 -26.44 -29.55 14.44
N ASN A 170 -27.16 -30.29 13.60
CA ASN A 170 -27.38 -31.73 13.79
C ASN A 170 -26.13 -32.56 13.64
N TYR A 171 -25.10 -32.00 13.01
CA TYR A 171 -23.89 -32.75 12.69
C TYR A 171 -22.63 -32.25 13.36
N VAL A 172 -22.49 -30.96 13.57
CA VAL A 172 -21.21 -30.41 14.07
C VAL A 172 -21.47 -29.23 14.91
N SER A 173 -20.48 -28.95 15.73
CA SER A 173 -20.55 -27.91 16.70
C SER A 173 -20.17 -26.52 16.12
N VAL A 174 -21.06 -25.96 15.28
CA VAL A 174 -20.95 -24.57 14.83
C VAL A 174 -22.31 -23.90 14.81
N ASN A 175 -22.33 -22.57 14.96
CA ASN A 175 -23.59 -21.78 14.80
C ASN A 175 -23.92 -21.36 13.40
N GLY A 176 -22.93 -21.39 12.52
CA GLY A 176 -23.14 -21.14 11.12
C GLY A 176 -21.89 -21.54 10.38
N ALA A 177 -21.91 -21.41 9.05
CA ALA A 177 -20.72 -21.63 8.26
C ALA A 177 -20.74 -20.67 7.07
N THR A 178 -19.56 -20.29 6.56
CA THR A 178 -19.51 -19.27 5.50
C THR A 178 -20.08 -19.82 4.19
N ALA A 179 -20.31 -18.92 3.26
CA ALA A 179 -20.71 -19.30 1.92
C ALA A 179 -19.51 -19.59 1.02
N HIS A 180 -18.30 -19.69 1.60
CA HIS A 180 -17.08 -19.90 0.81
C HIS A 180 -16.25 -21.07 1.32
N PRO A 181 -16.84 -22.29 1.32
CA PRO A 181 -16.02 -23.45 1.67
C PRO A 181 -14.95 -23.66 0.61
N HIS A 182 -13.78 -24.13 1.02
CA HIS A 182 -12.82 -24.64 0.07
C HIS A 182 -13.14 -26.12 -0.29
N ILE A 183 -12.83 -26.49 -1.52
CA ILE A 183 -13.10 -27.80 -2.04
C ILE A 183 -11.82 -28.35 -2.67
N GLU A 184 -11.21 -29.31 -2.00
CA GLU A 184 -10.04 -30.05 -2.54
C GLU A 184 -10.44 -30.90 -3.74
N ASN A 185 -9.47 -31.27 -4.57
CA ASN A 185 -9.79 -31.95 -5.84
C ASN A 185 -10.45 -33.34 -5.66
N ASP A 186 -10.22 -34.03 -4.54
CA ASP A 186 -10.94 -35.29 -4.25
C ASP A 186 -12.38 -35.10 -3.69
N GLY A 187 -12.90 -33.86 -3.60
CA GLY A 187 -14.24 -33.60 -3.06
C GLY A 187 -14.31 -33.28 -1.57
N THR A 188 -13.20 -33.39 -0.85
CA THR A 188 -13.16 -32.95 0.55
C THR A 188 -13.51 -31.46 0.62
N VAL A 189 -14.36 -31.11 1.60
CA VAL A 189 -14.88 -29.77 1.79
C VAL A 189 -14.40 -29.28 3.13
N TYR A 190 -13.81 -28.08 3.13
CA TYR A 190 -13.47 -27.40 4.38
C TYR A 190 -14.28 -26.11 4.47
N ASN A 191 -14.70 -25.77 5.68
CA ASN A 191 -15.36 -24.51 5.92
C ASN A 191 -15.06 -24.02 7.32
N ILE A 192 -15.39 -22.77 7.60
CA ILE A 192 -15.19 -22.20 8.92
C ILE A 192 -16.52 -21.63 9.38
N GLY A 193 -16.76 -21.68 10.67
CA GLY A 193 -17.98 -21.13 11.27
C GLY A 193 -17.71 -20.65 12.68
N ASN A 194 -18.49 -19.66 13.10
CA ASN A 194 -18.48 -19.24 14.51
C ASN A 194 -19.01 -20.39 15.40
N CYS A 195 -18.51 -20.44 16.63
CA CYS A 195 -19.03 -21.29 17.68
C CYS A 195 -19.29 -20.47 18.94
N PHE A 196 -20.58 -20.24 19.27
CA PHE A 196 -21.06 -19.52 20.51
C PHE A 196 -21.51 -20.47 21.64
N ILE A 202 -16.04 -20.39 23.28
CA ILE A 202 -16.22 -19.51 22.13
C ILE A 202 -14.99 -19.52 21.19
N ALA A 203 -15.21 -19.78 19.90
CA ALA A 203 -14.11 -20.07 18.97
C ALA A 203 -14.57 -19.96 17.53
N TYR A 204 -13.64 -20.12 16.59
CA TYR A 204 -13.98 -20.33 15.18
C TYR A 204 -13.54 -21.73 14.81
N ASN A 205 -14.48 -22.56 14.34
CA ASN A 205 -14.18 -23.98 14.07
C ASN A 205 -14.07 -24.26 12.59
N ILE A 206 -13.03 -25.01 12.23
CA ILE A 206 -12.90 -25.53 10.89
C ILE A 206 -13.63 -26.90 10.80
N VAL A 207 -14.62 -26.95 9.92
CA VAL A 207 -15.36 -28.16 9.62
C VAL A 207 -14.75 -28.84 8.40
N LYS A 208 -14.64 -30.16 8.44
CA LYS A 208 -14.22 -30.99 7.30
C LYS A 208 -15.31 -31.99 6.95
N ILE A 209 -15.70 -32.01 5.69
CA ILE A 209 -16.67 -32.95 5.18
C ILE A 209 -15.92 -33.82 4.17
N PRO A 210 -15.90 -35.15 4.38
CA PRO A 210 -15.09 -35.96 3.52
C PRO A 210 -15.71 -36.22 2.17
N PRO A 211 -14.91 -36.71 1.22
CA PRO A 211 -15.51 -37.10 -0.07
C PRO A 211 -16.51 -38.27 0.09
N LEU A 212 -17.32 -38.51 -0.92
CA LEU A 212 -18.24 -39.65 -0.92
C LEU A 212 -17.44 -40.95 -0.93
N GLN A 213 -17.77 -41.85 -0.01
CA GLN A 213 -17.07 -43.14 0.13
C GLN A 213 -17.78 -44.26 -0.64
N ALA A 214 -17.23 -45.47 -0.56
CA ALA A 214 -17.87 -46.64 -1.17
C ALA A 214 -19.29 -46.89 -0.62
N ASP A 215 -19.48 -46.82 0.71
CA ASP A 215 -20.83 -47.01 1.32
C ASP A 215 -21.94 -46.07 0.82
N LYS A 216 -21.58 -45.00 0.12
CA LYS A 216 -22.58 -44.08 -0.47
C LYS A 216 -23.43 -43.30 0.56
N GLU A 217 -23.06 -43.36 1.85
CA GLU A 217 -23.73 -42.56 2.89
C GLU A 217 -23.43 -41.06 2.70
N ASP A 218 -24.34 -40.23 3.19
CA ASP A 218 -24.27 -38.81 2.98
C ASP A 218 -23.04 -38.27 3.75
N PRO A 219 -22.08 -37.64 3.03
CA PRO A 219 -20.84 -37.18 3.66
C PRO A 219 -21.03 -36.18 4.79
N ILE A 220 -22.16 -35.45 4.80
CA ILE A 220 -22.45 -34.53 5.92
C ILE A 220 -22.54 -35.29 7.25
N SER A 221 -23.05 -36.51 7.23
CA SER A 221 -23.09 -37.31 8.48
C SER A 221 -21.71 -37.72 9.00
N LYS A 222 -20.68 -37.63 8.16
CA LYS A 222 -19.29 -37.83 8.60
C LYS A 222 -18.48 -36.53 8.88
N SER A 223 -19.16 -35.40 9.01
CA SER A 223 -18.54 -34.09 9.34
C SER A 223 -17.83 -34.12 10.65
N GLU A 224 -16.74 -33.38 10.76
CA GLU A 224 -16.11 -33.17 12.06
C GLU A 224 -15.37 -31.82 12.14
N ILE A 225 -15.25 -31.31 13.36
CA ILE A 225 -14.38 -30.20 13.62
C ILE A 225 -12.96 -30.73 13.64
N VAL A 226 -12.07 -30.21 12.81
CA VAL A 226 -10.65 -30.62 12.82
C VAL A 226 -9.69 -29.70 13.55
N VAL A 227 -9.99 -28.41 13.63
CA VAL A 227 -9.16 -27.47 14.35
C VAL A 227 -9.96 -26.24 14.73
N GLN A 228 -9.45 -25.55 15.71
CA GLN A 228 -10.16 -24.46 16.33
C GLN A 228 -9.21 -23.28 16.41
N PHE A 229 -9.74 -22.10 16.07
CA PHE A 229 -9.01 -20.86 16.18
C PHE A 229 -9.58 -20.11 17.38
N PRO A 230 -8.72 -19.46 18.16
CA PRO A 230 -9.19 -18.72 19.32
C PRO A 230 -9.82 -17.38 18.92
N CYS A 231 -10.58 -16.81 19.85
N CYS A 231 -10.59 -16.83 19.84
CA CYS A 231 -11.24 -15.56 19.67
CA CYS A 231 -11.26 -15.56 19.66
C CYS A 231 -10.52 -14.48 20.46
C CYS A 231 -10.53 -14.48 20.46
N SER A 232 -10.45 -13.26 19.91
CA SER A 232 -9.73 -12.15 20.56
C SER A 232 -10.48 -11.56 21.74
N ASP A 233 -11.79 -11.78 21.77
CA ASP A 233 -12.68 -11.18 22.74
C ASP A 233 -13.70 -12.29 23.08
N ARG A 234 -13.58 -12.80 24.31
CA ARG A 234 -14.53 -13.74 24.95
C ARG A 234 -15.99 -13.61 24.51
N PHE A 235 -16.50 -12.38 24.52
CA PHE A 235 -17.91 -12.10 24.28
C PHE A 235 -18.24 -11.53 22.92
N LYS A 236 -17.22 -11.19 22.13
CA LYS A 236 -17.46 -10.57 20.83
C LYS A 236 -16.65 -11.22 19.74
N PRO A 237 -17.15 -12.32 19.17
CA PRO A 237 -16.47 -12.92 18.03
C PRO A 237 -16.55 -12.05 16.75
N SER A 238 -15.56 -12.20 15.87
CA SER A 238 -15.55 -11.50 14.61
C SER A 238 -16.46 -12.14 13.61
N TYR A 239 -17.09 -11.30 12.79
CA TYR A 239 -17.72 -11.72 11.56
C TYR A 239 -16.67 -12.34 10.65
N VAL A 240 -17.01 -13.47 10.02
CA VAL A 240 -16.11 -14.20 9.17
C VAL A 240 -16.86 -14.60 7.90
N HIS A 241 -16.26 -14.26 6.76
CA HIS A 241 -16.85 -14.43 5.46
C HIS A 241 -16.17 -15.51 4.63
N SER A 242 -14.87 -15.72 4.83
CA SER A 242 -14.09 -16.66 4.03
C SER A 242 -12.77 -16.93 4.76
N PHE A 243 -11.98 -17.83 4.21
CA PHE A 243 -10.70 -18.21 4.80
C PHE A 243 -9.78 -18.76 3.73
N GLY A 244 -8.49 -18.87 4.05
CA GLY A 244 -7.51 -19.41 3.10
C GLY A 244 -7.09 -20.85 3.41
N LEU A 245 -6.69 -21.58 2.38
CA LEU A 245 -6.32 -22.99 2.49
C LEU A 245 -5.18 -23.32 1.52
N THR A 246 -4.16 -24.05 2.02
CA THR A 246 -3.07 -24.51 1.19
C THR A 246 -2.98 -26.01 1.41
N PRO A 247 -2.05 -26.71 0.72
CA PRO A 247 -1.95 -28.12 1.02
C PRO A 247 -1.69 -28.40 2.49
N ASN A 248 -0.89 -27.54 3.15
CA ASN A 248 -0.47 -27.76 4.53
C ASN A 248 -1.03 -26.84 5.57
N TYR A 249 -1.63 -25.72 5.16
CA TYR A 249 -2.07 -24.74 6.15
C TYR A 249 -3.48 -24.23 5.92
N ILE A 250 -4.04 -23.73 7.01
CA ILE A 250 -5.32 -23.03 7.02
C ILE A 250 -5.04 -21.63 7.52
N VAL A 251 -5.60 -20.61 6.86
CA VAL A 251 -5.40 -19.20 7.25
C VAL A 251 -6.74 -18.54 7.56
N PHE A 252 -6.78 -17.93 8.74
CA PHE A 252 -7.99 -17.27 9.22
C PHE A 252 -7.68 -15.81 9.56
N VAL A 253 -8.46 -14.87 9.02
CA VAL A 253 -8.23 -13.44 9.27
C VAL A 253 -9.29 -12.90 10.21
N GLU A 254 -8.88 -12.49 11.41
CA GLU A 254 -9.82 -12.04 12.45
C GLU A 254 -9.88 -10.50 12.41
N THR A 255 -11.00 -9.98 11.93
CA THR A 255 -11.16 -8.56 11.67
C THR A 255 -11.80 -7.85 12.84
N PRO A 256 -11.76 -6.49 12.82
CA PRO A 256 -12.41 -5.76 13.87
C PRO A 256 -13.92 -5.59 13.74
N VAL A 257 -14.55 -6.18 12.74
CA VAL A 257 -16.02 -6.22 12.68
C VAL A 257 -16.48 -7.37 13.57
N LYS A 258 -17.12 -7.00 14.68
CA LYS A 258 -17.54 -7.95 15.72
C LYS A 258 -19.06 -8.15 15.76
N ILE A 259 -19.46 -9.33 16.23
CA ILE A 259 -20.86 -9.67 16.50
C ILE A 259 -21.06 -9.52 18.00
N ASN A 260 -21.97 -8.65 18.42
CA ASN A 260 -22.23 -8.43 19.85
C ASN A 260 -23.15 -9.52 20.36
N LEU A 261 -22.56 -10.51 21.06
CA LEU A 261 -23.35 -11.64 21.55
C LEU A 261 -24.44 -11.28 22.57
N PHE A 262 -24.22 -10.25 23.40
CA PHE A 262 -25.29 -9.74 24.27
C PHE A 262 -26.53 -9.35 23.43
N LYS A 263 -26.35 -8.73 22.27
CA LYS A 263 -27.50 -8.48 21.36
C LYS A 263 -27.95 -9.69 20.55
N PHE A 264 -27.01 -10.51 20.06
CA PHE A 264 -27.34 -11.64 19.17
C PHE A 264 -28.27 -12.66 19.90
N LEU A 265 -27.87 -13.03 21.12
CA LEU A 265 -28.56 -14.02 21.96
C LEU A 265 -29.70 -13.47 22.86
N SER A 266 -29.87 -12.15 22.96
CA SER A 266 -31.06 -11.54 23.58
C SER A 266 -32.31 -11.95 22.78
N SER A 267 -33.51 -11.82 23.35
CA SER A 267 -34.76 -12.11 22.60
C SER A 267 -35.11 -10.95 21.62
N TRP A 268 -35.03 -11.26 20.32
CA TRP A 268 -35.28 -10.31 19.23
C TRP A 268 -36.74 -9.92 19.03
N SER A 269 -37.66 -10.72 19.57
CA SER A 269 -39.10 -10.45 19.53
C SER A 269 -39.44 -9.20 20.37
N LEU A 270 -38.98 -9.19 21.62
CA LEU A 270 -39.10 -8.04 22.52
C LEU A 270 -38.47 -6.77 21.92
N TRP A 271 -37.16 -6.82 21.67
CA TRP A 271 -36.42 -5.64 21.19
C TRP A 271 -36.68 -5.27 19.71
N GLY A 272 -37.18 -6.20 18.89
CA GLY A 272 -37.40 -5.97 17.45
C GLY A 272 -36.12 -5.88 16.63
N ALA A 273 -35.16 -6.79 16.89
CA ALA A 273 -33.83 -6.71 16.25
C ALA A 273 -33.62 -7.66 15.06
N ASN A 274 -32.67 -7.26 14.21
CA ASN A 274 -32.21 -8.07 13.10
C ASN A 274 -30.71 -8.35 13.23
N TYR A 275 -30.12 -8.94 12.18
CA TYR A 275 -28.71 -9.37 12.25
C TYR A 275 -27.76 -8.13 12.20
N MET A 276 -28.03 -7.20 11.29
CA MET A 276 -27.32 -5.91 11.22
C MET A 276 -27.22 -5.18 12.55
N ASP A 277 -28.26 -5.25 13.38
CA ASP A 277 -28.25 -4.55 14.66
C ASP A 277 -27.26 -5.14 15.64
N CYS A 278 -26.71 -6.30 15.36
CA CYS A 278 -25.75 -6.92 16.30
C CYS A 278 -24.28 -6.62 16.00
N PHE A 279 -23.98 -5.93 14.90
CA PHE A 279 -22.56 -5.67 14.54
C PHE A 279 -21.99 -4.43 15.23
N GLU A 280 -20.74 -4.50 15.68
CA GLU A 280 -20.01 -3.32 16.13
C GLU A 280 -18.55 -3.43 15.74
N SER A 281 -17.86 -2.30 15.74
CA SER A 281 -16.47 -2.25 15.30
C SER A 281 -15.57 -2.03 16.48
N ASN A 282 -14.57 -2.88 16.66
CA ASN A 282 -13.56 -2.67 17.68
C ASN A 282 -12.53 -1.73 17.09
N GLU A 283 -12.36 -0.58 17.72
CA GLU A 283 -11.51 0.49 17.19
C GLU A 283 -10.02 0.26 17.37
N THR A 284 -9.62 -0.53 18.34
CA THR A 284 -8.22 -0.59 18.72
C THR A 284 -7.52 -1.88 18.36
N MET A 285 -8.25 -2.97 18.06
CA MET A 285 -7.55 -4.26 17.86
C MET A 285 -6.80 -4.41 16.50
N GLY A 286 -7.22 -3.65 15.47
CA GLY A 286 -6.71 -3.88 14.13
C GLY A 286 -7.18 -5.22 13.62
N VAL A 287 -6.32 -5.88 12.84
CA VAL A 287 -6.59 -7.22 12.30
C VAL A 287 -5.59 -8.22 12.88
N TRP A 288 -6.12 -9.36 13.37
CA TRP A 288 -5.27 -10.47 13.84
C TRP A 288 -5.31 -11.61 12.81
N LEU A 289 -4.17 -12.10 12.36
CA LEU A 289 -4.12 -13.20 11.42
C LEU A 289 -3.61 -14.46 12.12
N HIS A 290 -4.22 -15.58 11.73
CA HIS A 290 -4.07 -16.85 12.41
C HIS A 290 -3.77 -17.93 11.38
N ILE A 291 -2.84 -18.82 11.71
CA ILE A 291 -2.61 -20.01 10.88
C ILE A 291 -2.74 -21.27 11.71
N ALA A 292 -3.18 -22.35 11.04
CA ALA A 292 -3.20 -23.68 11.63
C ALA A 292 -2.53 -24.66 10.69
N ASP A 293 -1.88 -25.66 11.29
CA ASP A 293 -1.36 -26.82 10.58
C ASP A 293 -2.55 -27.68 10.16
N LYS A 294 -2.76 -27.88 8.86
CA LYS A 294 -3.93 -28.56 8.36
C LYS A 294 -3.85 -30.08 8.69
N LYS A 295 -2.71 -30.68 8.33
CA LYS A 295 -2.48 -32.12 8.44
C LYS A 295 -2.33 -32.59 9.88
N ARG A 296 -1.61 -31.83 10.71
CA ARG A 296 -1.49 -32.15 12.12
C ARG A 296 -2.63 -31.60 12.94
N LYS A 297 -3.56 -30.85 12.32
CA LYS A 297 -4.79 -30.38 12.97
C LYS A 297 -4.50 -29.58 14.24
N LYS A 298 -3.69 -28.54 14.12
CA LYS A 298 -3.09 -27.87 15.25
C LYS A 298 -3.02 -26.36 14.99
N TYR A 299 -3.56 -25.55 15.91
CA TYR A 299 -3.37 -24.11 15.90
C TYR A 299 -1.92 -23.75 16.17
N ILE A 300 -1.37 -22.84 15.38
CA ILE A 300 -0.01 -22.35 15.58
C ILE A 300 -0.06 -21.00 16.26
N ASN A 301 0.78 -20.82 17.27
CA ASN A 301 0.67 -19.67 18.15
C ASN A 301 1.56 -18.51 17.68
N ASN A 302 1.27 -17.99 16.51
CA ASN A 302 2.01 -16.89 15.94
C ASN A 302 1.06 -15.70 15.94
N LYS A 303 1.42 -14.63 16.65
CA LYS A 303 0.57 -13.47 16.79
C LYS A 303 0.80 -12.45 15.66
N TYR A 304 0.29 -12.79 14.47
CA TYR A 304 0.31 -11.86 13.34
C TYR A 304 -0.70 -10.73 13.58
N ARG A 305 -0.23 -9.50 13.38
CA ARG A 305 -1.02 -8.30 13.65
C ARG A 305 -0.85 -7.30 12.54
N THR A 306 -1.93 -6.61 12.17
CA THR A 306 -1.82 -5.46 11.28
C THR A 306 -2.94 -4.43 11.49
N SER A 307 -2.93 -3.37 10.67
CA SER A 307 -3.92 -2.30 10.68
C SER A 307 -5.35 -2.78 10.42
N PRO A 308 -6.36 -1.94 10.73
CA PRO A 308 -7.76 -2.38 10.53
C PRO A 308 -8.26 -2.41 9.07
N PHE A 309 -8.96 -3.49 8.72
CA PHE A 309 -9.67 -3.56 7.49
C PHE A 309 -10.83 -4.50 7.63
N ASN A 310 -11.85 -4.32 6.79
CA ASN A 310 -12.86 -5.35 6.55
C ASN A 310 -12.26 -6.30 5.52
N LEU A 311 -12.67 -7.55 5.60
CA LEU A 311 -12.32 -8.59 4.61
C LEU A 311 -13.55 -9.46 4.36
N PHE A 312 -13.92 -9.56 3.09
CA PHE A 312 -14.91 -10.53 2.66
C PHE A 312 -14.24 -11.71 1.96
N HIS A 313 -13.43 -11.44 0.95
CA HIS A 313 -12.95 -12.48 0.06
C HIS A 313 -11.45 -12.61 0.03
N HIS A 314 -10.97 -13.75 0.49
CA HIS A 314 -9.64 -14.21 0.15
C HIS A 314 -9.61 -14.43 -1.35
N ILE A 315 -8.48 -14.14 -1.99
CA ILE A 315 -8.32 -14.41 -3.43
C ILE A 315 -7.68 -15.79 -3.60
N ASN A 316 -6.51 -15.98 -2.98
CA ASN A 316 -5.79 -17.23 -3.03
C ASN A 316 -4.70 -17.21 -1.97
N THR A 317 -4.27 -18.38 -1.57
CA THR A 317 -3.28 -18.50 -0.53
C THR A 317 -2.29 -19.55 -1.00
N TYR A 318 -0.99 -19.35 -0.79
CA TYR A 318 -0.05 -20.40 -1.12
C TYR A 318 1.22 -20.34 -0.30
N GLU A 319 2.02 -21.42 -0.39
CA GLU A 319 3.25 -21.60 0.36
C GLU A 319 4.42 -21.29 -0.56
N ASP A 320 5.40 -20.57 -0.04
CA ASP A 320 6.59 -20.25 -0.83
C ASP A 320 7.73 -20.22 0.14
N HIS A 321 8.57 -21.25 0.07
CA HIS A 321 9.66 -21.45 1.05
C HIS A 321 9.08 -21.37 2.41
N GLU A 322 9.63 -20.66 3.38
CA GLU A 322 8.97 -20.85 4.69
C GLU A 322 7.90 -19.77 5.01
N PHE A 323 7.09 -19.41 4.00
CA PHE A 323 6.22 -18.24 4.09
C PHE A 323 4.86 -18.56 3.50
N LEU A 324 3.80 -18.00 4.07
CA LEU A 324 2.49 -18.03 3.46
C LEU A 324 2.14 -16.70 2.76
N ILE A 325 1.81 -16.79 1.48
CA ILE A 325 1.39 -15.67 0.66
C ILE A 325 -0.12 -15.61 0.75
N VAL A 326 -0.65 -14.49 1.25
CA VAL A 326 -2.07 -14.34 1.55
C VAL A 326 -2.62 -13.14 0.74
N ASP A 327 -3.31 -13.43 -0.36
CA ASP A 327 -3.85 -12.40 -1.23
C ASP A 327 -5.31 -12.17 -0.88
N LEU A 328 -5.66 -10.91 -0.60
CA LEU A 328 -6.93 -10.49 0.00
C LEU A 328 -7.54 -9.31 -0.76
N CYS A 329 -8.86 -9.30 -0.86
CA CYS A 329 -9.62 -8.14 -1.20
C CYS A 329 -10.01 -7.39 0.12
N CYS A 330 -9.32 -6.30 0.42
CA CYS A 330 -9.52 -5.55 1.64
C CYS A 330 -10.37 -4.31 1.46
N TRP A 331 -10.89 -3.82 2.58
CA TRP A 331 -11.58 -2.54 2.66
C TRP A 331 -10.95 -1.78 3.83
N LYS A 332 -10.28 -0.67 3.54
CA LYS A 332 -9.45 0.04 4.50
C LYS A 332 -10.30 0.84 5.47
N GLY A 333 -10.34 0.40 6.73
CA GLY A 333 -11.20 0.96 7.76
C GLY A 333 -11.80 -0.10 8.66
N PHE A 334 -12.38 0.32 9.77
CA PHE A 334 -13.04 -0.61 10.67
C PHE A 334 -14.57 -0.55 10.66
N GLU A 335 -15.14 0.46 10.02
CA GLU A 335 -16.58 0.55 9.86
C GLU A 335 -17.03 -0.63 9.00
N PHE A 336 -18.17 -1.21 9.33
CA PHE A 336 -18.67 -2.34 8.58
C PHE A 336 -19.18 -1.90 7.21
N VAL A 337 -18.56 -2.43 6.16
CA VAL A 337 -18.93 -2.09 4.81
C VAL A 337 -20.41 -2.40 4.53
N TYR A 338 -20.96 -3.42 5.18
CA TYR A 338 -22.39 -3.77 4.96
C TYR A 338 -23.37 -2.64 5.34
N ASN A 339 -22.96 -1.69 6.19
CA ASN A 339 -23.74 -0.43 6.41
C ASN A 339 -24.09 0.35 5.15
N TYR A 340 -23.29 0.25 4.11
CA TYR A 340 -23.49 0.97 2.86
C TYR A 340 -24.33 0.22 1.89
N LEU A 341 -24.88 -0.94 2.28
CA LEU A 341 -25.60 -1.80 1.34
C LEU A 341 -27.11 -2.00 1.68
N TYR A 342 -27.75 -1.05 2.35
CA TYR A 342 -29.21 -0.99 2.39
C TYR A 342 -29.71 -0.71 0.98
N LEU A 343 -30.80 -1.37 0.59
CA LEU A 343 -31.35 -1.19 -0.78
C LEU A 343 -31.73 0.27 -1.11
N ALA A 344 -32.25 1.00 -0.12
CA ALA A 344 -32.57 2.43 -0.27
C ALA A 344 -31.38 3.26 -0.75
N ASN A 345 -30.18 2.99 -0.21
CA ASN A 345 -28.94 3.64 -0.69
C ASN A 345 -28.56 3.19 -2.09
N LEU A 346 -28.58 1.89 -2.33
CA LEU A 346 -28.23 1.32 -3.65
C LEU A 346 -29.20 1.69 -4.77
N ARG A 347 -30.42 2.10 -4.40
CA ARG A 347 -31.42 2.57 -5.38
C ARG A 347 -31.46 4.08 -5.60
N GLU A 348 -30.64 4.83 -4.88
CA GLU A 348 -30.49 6.26 -5.11
C GLU A 348 -29.94 6.56 -6.49
N ASN A 349 -30.07 7.81 -6.89
CA ASN A 349 -29.51 8.27 -8.15
C ASN A 349 -27.99 8.40 -8.01
N TRP A 350 -27.32 8.44 -9.15
CA TRP A 350 -25.90 8.22 -9.25
C TRP A 350 -25.04 9.18 -8.42
N GLU A 351 -25.39 10.47 -8.46
CA GLU A 351 -24.67 11.49 -7.66
C GLU A 351 -24.76 11.22 -6.18
N GLU A 352 -25.94 10.79 -5.73
N GLU A 352 -25.94 10.79 -5.73
CA GLU A 352 -26.17 10.43 -4.33
CA GLU A 352 -26.16 10.41 -4.32
C GLU A 352 -25.45 9.12 -3.92
C GLU A 352 -25.45 9.12 -3.92
N VAL A 353 -25.42 8.15 -4.84
CA VAL A 353 -24.64 6.89 -4.63
C VAL A 353 -23.14 7.22 -4.41
N LYS A 354 -22.57 8.07 -5.26
CA LYS A 354 -21.17 8.45 -5.10
C LYS A 354 -20.93 9.19 -3.80
N LYS A 355 -21.83 10.14 -3.47
CA LYS A 355 -21.73 10.89 -2.22
C LYS A 355 -21.79 9.95 -1.00
N ASN A 356 -22.75 9.02 -0.98
CA ASN A 356 -22.89 8.11 0.14
C ASN A 356 -21.64 7.26 0.36
N ALA A 357 -20.94 6.90 -0.71
CA ALA A 357 -19.77 6.06 -0.56
C ALA A 357 -18.46 6.79 -0.20
N ARG A 358 -18.48 8.13 -0.16
N ARG A 358 -18.48 8.13 -0.16
CA ARG A 358 -17.26 8.95 0.08
CA ARG A 358 -17.25 8.92 0.07
C ARG A 358 -16.55 8.60 1.38
C ARG A 358 -16.54 8.59 1.38
N LYS A 359 -17.32 8.37 2.44
CA LYS A 359 -16.77 8.07 3.76
C LYS A 359 -16.69 6.60 4.07
N ALA A 360 -17.04 5.74 3.09
CA ALA A 360 -16.89 4.29 3.29
C ALA A 360 -15.40 3.92 3.31
N PRO A 361 -15.09 2.76 3.88
CA PRO A 361 -13.74 2.21 3.68
C PRO A 361 -13.38 2.10 2.21
N GLN A 362 -12.11 2.28 1.91
CA GLN A 362 -11.58 2.15 0.54
C GLN A 362 -11.18 0.72 0.22
N PRO A 363 -11.61 0.21 -0.94
CA PRO A 363 -11.17 -1.11 -1.34
C PRO A 363 -9.71 -1.12 -1.80
N GLU A 364 -9.04 -2.24 -1.57
CA GLU A 364 -7.64 -2.39 -1.97
C GLU A 364 -7.27 -3.87 -1.98
N VAL A 365 -6.69 -4.34 -3.08
CA VAL A 365 -6.12 -5.68 -3.10
C VAL A 365 -4.73 -5.65 -2.48
N ARG A 366 -4.54 -6.51 -1.47
CA ARG A 366 -3.29 -6.59 -0.72
C ARG A 366 -2.75 -8.01 -0.64
N ARG A 367 -1.44 -8.10 -0.73
CA ARG A 367 -0.69 -9.31 -0.45
C ARG A 367 -0.02 -9.16 0.90
N TYR A 368 -0.37 -10.04 1.83
CA TYR A 368 0.34 -10.22 3.10
C TYR A 368 1.22 -11.44 3.06
N VAL A 369 2.34 -11.40 3.75
CA VAL A 369 3.29 -12.49 3.77
C VAL A 369 3.57 -12.90 5.21
N LEU A 370 3.26 -14.15 5.54
CA LEU A 370 3.32 -14.66 6.91
C LEU A 370 4.56 -15.57 7.09
N PRO A 371 5.57 -15.12 7.83
CA PRO A 371 6.67 -16.07 8.07
C PRO A 371 6.26 -17.23 8.98
N LEU A 372 6.68 -18.44 8.60
CA LEU A 372 6.46 -19.65 9.40
C LEU A 372 7.63 -19.95 10.35
N ASN A 373 8.87 -19.63 9.98
CA ASN A 373 10.02 -19.78 10.91
C ASN A 373 10.45 -18.48 11.54
N ILE A 374 10.00 -18.25 12.77
CA ILE A 374 10.29 -17.05 13.53
C ILE A 374 11.45 -17.35 14.48
N ASP A 375 12.62 -16.80 14.19
CA ASP A 375 13.78 -16.80 15.11
C ASP A 375 13.83 -15.55 16.02
N LYS A 376 13.77 -15.74 17.34
CA LYS A 376 13.93 -14.65 18.33
C LYS A 376 15.13 -13.74 18.12
N ALA A 377 16.22 -14.31 17.61
CA ALA A 377 17.40 -13.53 17.24
C ALA A 377 17.12 -12.41 16.21
N ASP A 378 16.05 -12.52 15.41
CA ASP A 378 15.64 -11.44 14.49
C ASP A 378 14.66 -10.43 15.09
N THR A 379 14.48 -10.42 16.41
CA THR A 379 13.63 -9.40 17.03
C THR A 379 13.99 -7.97 16.54
N GLY A 380 12.98 -7.24 16.12
CA GLY A 380 13.10 -5.86 15.62
C GLY A 380 13.31 -5.74 14.11
N LYS A 381 13.49 -6.87 13.43
CA LYS A 381 13.73 -6.89 12.01
C LYS A 381 12.56 -7.45 11.22
N ASN A 382 12.67 -7.27 9.91
CA ASN A 382 11.75 -7.73 8.90
C ASN A 382 12.11 -9.18 8.59
N LEU A 383 11.18 -10.10 8.78
CA LEU A 383 11.40 -11.54 8.53
C LEU A 383 11.16 -11.99 7.12
N VAL A 384 10.58 -11.12 6.30
CA VAL A 384 10.18 -11.50 4.93
C VAL A 384 11.36 -11.30 4.00
N THR A 385 12.13 -12.39 3.88
CA THR A 385 13.38 -12.41 3.13
C THR A 385 13.18 -12.88 1.69
N LEU A 386 11.94 -13.19 1.31
CA LEU A 386 11.64 -13.50 -0.09
C LEU A 386 12.07 -12.37 -1.04
N PRO A 387 12.51 -12.72 -2.25
CA PRO A 387 13.13 -11.72 -3.15
C PRO A 387 12.19 -10.88 -4.03
N ASN A 388 10.94 -11.30 -4.13
CA ASN A 388 9.96 -10.88 -5.12
CA ASN A 388 10.02 -10.70 -5.14
C ASN A 388 8.76 -10.12 -4.49
N THR A 389 8.86 -9.68 -3.24
CA THR A 389 7.75 -8.97 -2.56
C THR A 389 8.29 -7.75 -1.79
N THR A 390 7.42 -6.76 -1.60
CA THR A 390 7.65 -5.66 -0.66
C THR A 390 6.87 -5.78 0.65
N ALA A 391 6.12 -6.87 0.83
CA ALA A 391 5.47 -7.13 2.10
C ALA A 391 6.52 -7.35 3.21
N THR A 392 6.17 -6.96 4.42
CA THR A 392 7.06 -7.05 5.58
C THR A 392 6.34 -7.66 6.77
N ALA A 393 7.15 -8.19 7.69
CA ALA A 393 6.66 -8.80 8.91
C ALA A 393 7.72 -8.56 9.99
N ILE A 394 7.40 -7.71 10.97
CA ILE A 394 8.35 -7.28 11.98
C ILE A 394 8.09 -8.04 13.26
N LEU A 395 9.11 -8.76 13.73
CA LEU A 395 9.04 -9.42 15.02
C LEU A 395 9.31 -8.45 16.16
N CYS A 396 8.30 -8.23 16.98
CA CYS A 396 8.34 -7.36 18.12
C CYS A 396 8.79 -8.13 19.38
N SER A 397 9.17 -7.38 20.42
CA SER A 397 9.64 -7.94 21.69
C SER A 397 8.57 -8.63 22.48
N ASP A 398 7.35 -8.18 22.37
CA ASP A 398 6.21 -8.91 22.91
C ASP A 398 5.81 -10.10 22.06
N GLU A 399 6.53 -10.39 20.97
CA GLU A 399 6.31 -11.54 20.08
C GLU A 399 5.12 -11.44 19.11
N THR A 400 4.44 -10.30 19.11
CA THR A 400 3.58 -9.98 17.96
C THR A 400 4.46 -9.80 16.71
N ILE A 401 3.93 -10.20 15.58
CA ILE A 401 4.56 -10.01 14.28
C ILE A 401 3.71 -8.99 13.50
N TRP A 402 4.22 -7.76 13.41
CA TRP A 402 3.51 -6.67 12.77
C TRP A 402 3.69 -6.77 11.23
N LEU A 403 2.58 -6.81 10.49
CA LEU A 403 2.65 -7.00 9.03
C LEU A 403 2.35 -5.74 8.26
N GLU A 404 3.00 -5.56 7.11
CA GLU A 404 2.59 -4.54 6.15
C GLU A 404 2.42 -5.23 4.83
N PRO A 405 1.45 -4.78 4.06
CA PRO A 405 1.17 -5.43 2.79
C PRO A 405 1.97 -4.87 1.61
N GLU A 406 2.04 -5.70 0.57
CA GLU A 406 2.26 -5.26 -0.79
C GLU A 406 0.93 -5.01 -1.46
N VAL A 407 0.72 -3.80 -1.93
CA VAL A 407 -0.54 -3.42 -2.57
C VAL A 407 -0.45 -3.88 -4.02
N LEU A 408 -1.42 -4.68 -4.46
CA LEU A 408 -1.45 -5.21 -5.81
C LEU A 408 -2.35 -4.39 -6.73
N PHE A 409 -3.40 -3.76 -6.16
CA PHE A 409 -4.33 -2.94 -6.94
C PHE A 409 -5.06 -1.99 -6.04
N SER A 410 -5.21 -0.73 -6.49
CA SER A 410 -5.83 0.30 -5.71
C SER A 410 -6.43 1.39 -6.61
N GLY A 411 -7.72 1.63 -6.49
CA GLY A 411 -8.40 2.64 -7.29
C GLY A 411 -9.45 3.34 -6.43
N PRO A 412 -9.70 4.65 -6.63
CA PRO A 412 -10.63 5.40 -5.73
C PRO A 412 -12.08 4.92 -5.78
N ARG A 413 -12.51 4.24 -4.72
CA ARG A 413 -13.84 3.61 -4.67
C ARG A 413 -14.09 2.62 -5.84
N GLN A 414 -12.99 2.09 -6.38
CA GLN A 414 -12.97 1.14 -7.48
C GLN A 414 -12.49 -0.17 -6.89
N ALA A 415 -13.43 -1.03 -6.49
CA ALA A 415 -13.08 -2.32 -5.85
C ALA A 415 -12.85 -3.42 -6.87
N PHE A 416 -11.72 -4.08 -6.80
CA PHE A 416 -11.54 -5.39 -7.44
C PHE A 416 -12.12 -6.38 -6.43
N GLU A 417 -13.32 -6.90 -6.71
CA GLU A 417 -14.07 -7.70 -5.77
C GLU A 417 -14.59 -9.00 -6.43
N PHE A 418 -15.28 -9.81 -5.63
CA PHE A 418 -15.74 -11.13 -6.07
C PHE A 418 -14.66 -11.87 -6.84
N PRO A 419 -13.49 -12.06 -6.22
CA PRO A 419 -12.35 -12.62 -6.95
C PRO A 419 -12.53 -14.10 -7.27
N GLN A 420 -12.00 -14.49 -8.41
CA GLN A 420 -11.97 -15.88 -8.87
C GLN A 420 -10.61 -16.13 -9.50
N ILE A 421 -10.15 -17.36 -9.39
CA ILE A 421 -8.91 -17.82 -10.05
C ILE A 421 -9.22 -19.09 -10.84
N ASN A 422 -8.22 -19.64 -11.51
CA ASN A 422 -8.27 -21.01 -12.01
C ASN A 422 -8.11 -21.93 -10.81
N TYR A 423 -9.22 -22.19 -10.15
CA TYR A 423 -9.22 -22.75 -8.81
C TYR A 423 -8.79 -24.22 -8.80
N GLN A 424 -9.31 -25.01 -9.73
CA GLN A 424 -9.06 -26.44 -9.71
C GLN A 424 -7.60 -26.82 -9.80
N LYS A 425 -6.83 -26.07 -10.58
N LYS A 425 -6.83 -26.07 -10.58
CA LYS A 425 -5.40 -26.33 -10.73
CA LYS A 425 -5.41 -26.32 -10.73
C LYS A 425 -4.49 -25.38 -9.94
C LYS A 425 -4.49 -25.38 -9.96
N TYR A 426 -4.96 -24.20 -9.51
CA TYR A 426 -4.09 -23.24 -8.80
C TYR A 426 -4.53 -22.81 -7.39
N GLY A 427 -5.73 -23.19 -6.99
CA GLY A 427 -6.14 -23.03 -5.61
C GLY A 427 -5.16 -23.62 -4.62
N GLY A 428 -4.74 -22.80 -3.67
CA GLY A 428 -3.81 -23.20 -2.64
C GLY A 428 -2.37 -23.26 -3.11
N LYS A 429 -2.11 -22.81 -4.33
CA LYS A 429 -0.81 -23.02 -4.99
C LYS A 429 -0.28 -21.71 -5.62
N PRO A 430 1.05 -21.64 -5.86
CA PRO A 430 1.59 -20.52 -6.61
C PRO A 430 0.78 -20.22 -7.88
N TYR A 431 0.49 -18.96 -8.10
CA TYR A 431 -0.40 -18.55 -9.18
C TYR A 431 -0.01 -17.16 -9.65
N THR A 432 -0.62 -16.75 -10.73
CA THR A 432 -0.35 -15.48 -11.38
C THR A 432 -1.59 -14.62 -11.66
N TYR A 433 -2.77 -15.22 -11.86
CA TYR A 433 -3.92 -14.48 -12.34
C TYR A 433 -5.16 -14.58 -11.44
N ALA A 434 -5.82 -13.42 -11.26
CA ALA A 434 -7.12 -13.33 -10.61
C ALA A 434 -8.09 -12.55 -11.52
N TYR A 435 -9.36 -12.98 -11.55
CA TYR A 435 -10.44 -12.29 -12.23
C TYR A 435 -11.38 -11.71 -11.15
N GLY A 436 -11.95 -10.55 -11.42
CA GLY A 436 -12.82 -9.90 -10.44
C GLY A 436 -13.95 -9.15 -11.07
N LEU A 437 -14.94 -8.87 -10.22
CA LEU A 437 -15.98 -7.93 -10.54
C LEU A 437 -15.57 -6.54 -10.04
N GLY A 438 -15.59 -5.55 -10.93
CA GLY A 438 -15.21 -4.18 -10.56
C GLY A 438 -16.38 -3.37 -10.07
N LEU A 439 -16.28 -2.89 -8.85
CA LEU A 439 -17.32 -2.06 -8.25
C LEU A 439 -16.90 -0.58 -8.28
N ASN A 440 -17.85 0.27 -8.65
CA ASN A 440 -17.66 1.70 -8.76
C ASN A 440 -18.58 2.38 -7.77
N HIS A 441 -18.06 2.82 -6.63
CA HIS A 441 -18.89 3.28 -5.51
C HIS A 441 -19.98 2.24 -5.19
N PHE A 442 -19.57 0.97 -5.13
CA PHE A 442 -20.43 -0.22 -4.86
C PHE A 442 -21.26 -0.76 -6.05
N VAL A 443 -21.31 -0.02 -7.15
CA VAL A 443 -22.11 -0.44 -8.29
C VAL A 443 -21.21 -1.28 -9.21
N PRO A 444 -21.63 -2.52 -9.52
CA PRO A 444 -20.81 -3.36 -10.40
C PRO A 444 -20.91 -2.92 -11.85
N ASP A 445 -19.80 -2.48 -12.44
CA ASP A 445 -19.89 -1.96 -13.78
C ASP A 445 -18.81 -2.40 -14.76
N ARG A 446 -18.00 -3.40 -14.39
CA ARG A 446 -16.94 -3.87 -15.27
C ARG A 446 -16.40 -5.18 -14.81
N LEU A 447 -15.63 -5.82 -15.66
CA LEU A 447 -14.93 -7.04 -15.30
C LEU A 447 -13.45 -6.80 -15.39
N CYS A 448 -12.68 -7.46 -14.52
CA CYS A 448 -11.24 -7.21 -14.36
C CYS A 448 -10.38 -8.45 -14.30
N LYS A 449 -9.16 -8.31 -14.76
CA LYS A 449 -8.16 -9.34 -14.62
C LYS A 449 -6.90 -8.66 -14.07
N LEU A 450 -6.24 -9.33 -13.13
CA LEU A 450 -5.08 -8.81 -12.43
C LEU A 450 -3.98 -9.83 -12.50
N ASN A 451 -2.82 -9.42 -12.99
CA ASN A 451 -1.63 -10.24 -12.89
C ASN A 451 -1.01 -9.87 -11.55
N VAL A 452 -1.03 -10.82 -10.62
CA VAL A 452 -0.56 -10.55 -9.26
C VAL A 452 0.96 -10.45 -9.11
N LYS A 453 1.71 -10.87 -10.12
CA LYS A 453 3.18 -10.71 -10.17
C LYS A 453 3.59 -9.35 -10.74
N THR A 454 2.98 -8.93 -11.84
CA THR A 454 3.36 -7.70 -12.49
C THR A 454 2.46 -6.53 -12.14
N LYS A 455 1.31 -6.78 -11.50
CA LYS A 455 0.29 -5.75 -11.26
C LYS A 455 -0.40 -5.18 -12.48
N GLU A 456 -0.17 -5.79 -13.63
CA GLU A 456 -0.88 -5.42 -14.82
C GLU A 456 -2.38 -5.78 -14.68
N THR A 457 -3.24 -4.92 -15.21
CA THR A 457 -4.68 -5.16 -15.25
C THR A 457 -5.24 -5.08 -16.66
N TRP A 458 -6.39 -5.71 -16.85
CA TRP A 458 -7.21 -5.67 -18.06
C TRP A 458 -8.63 -5.37 -17.62
N VAL A 459 -9.37 -4.62 -18.41
CA VAL A 459 -10.77 -4.30 -18.10
C VAL A 459 -11.67 -4.61 -19.29
N TRP A 460 -12.85 -5.15 -19.00
CA TRP A 460 -13.96 -5.18 -19.92
C TRP A 460 -15.11 -4.35 -19.36
N GLN A 461 -15.68 -3.49 -20.19
CA GLN A 461 -16.76 -2.62 -19.75
C GLN A 461 -17.56 -2.04 -20.93
N GLU A 462 -18.88 -2.04 -20.81
CA GLU A 462 -19.77 -1.29 -21.71
C GLU A 462 -20.63 -0.31 -20.91
N PRO A 463 -21.09 0.80 -21.56
CA PRO A 463 -21.99 1.74 -20.88
C PRO A 463 -23.25 1.04 -20.39
N ASP A 464 -23.76 1.44 -19.24
CA ASP A 464 -25.07 0.96 -18.76
C ASP A 464 -25.21 -0.55 -18.68
N SER A 465 -24.10 -1.20 -18.34
CA SER A 465 -24.02 -2.64 -18.24
C SER A 465 -23.43 -3.06 -16.88
N TYR A 466 -24.19 -3.89 -16.16
CA TYR A 466 -23.89 -4.26 -14.78
C TYR A 466 -23.61 -5.76 -14.65
N PRO A 467 -22.30 -6.15 -14.64
CA PRO A 467 -21.95 -7.57 -14.60
C PRO A 467 -21.97 -8.21 -13.21
N SER A 468 -21.81 -9.52 -13.21
CA SER A 468 -21.69 -10.32 -11.98
C SER A 468 -20.26 -10.82 -11.90
N GLU A 469 -19.95 -11.41 -10.76
CA GLU A 469 -18.74 -12.19 -10.56
C GLU A 469 -18.40 -13.01 -11.79
N PRO A 470 -17.16 -12.91 -12.27
CA PRO A 470 -16.73 -13.67 -13.44
C PRO A 470 -16.28 -15.07 -12.99
N ILE A 471 -16.72 -16.13 -13.65
CA ILE A 471 -16.27 -17.46 -13.29
C ILE A 471 -15.41 -18.00 -14.41
N PHE A 472 -14.24 -18.53 -14.02
CA PHE A 472 -13.24 -19.05 -14.95
C PHE A 472 -13.50 -20.51 -15.31
N VAL A 473 -13.43 -20.81 -16.59
CA VAL A 473 -13.49 -22.20 -17.06
C VAL A 473 -12.30 -22.43 -17.97
N SER A 474 -11.49 -23.40 -17.57
CA SER A 474 -10.31 -23.80 -18.34
C SER A 474 -10.73 -24.48 -19.63
N HIS A 475 -9.98 -24.24 -20.70
CA HIS A 475 -10.01 -25.22 -21.78
C HIS A 475 -9.61 -26.56 -21.11
N PRO A 476 -10.34 -27.67 -21.40
CA PRO A 476 -10.05 -28.96 -20.69
C PRO A 476 -8.61 -29.50 -20.84
N ASP A 477 -7.98 -29.19 -21.96
CA ASP A 477 -6.60 -29.58 -22.29
C ASP A 477 -5.55 -28.45 -22.08
N ALA A 478 -5.90 -27.41 -21.34
CA ALA A 478 -5.00 -26.29 -21.10
C ALA A 478 -3.81 -26.77 -20.28
N LEU A 479 -2.63 -26.33 -20.65
CA LEU A 479 -1.45 -26.39 -19.80
C LEU A 479 -1.18 -25.04 -19.11
N GLU A 480 -1.55 -23.92 -19.73
CA GLU A 480 -1.37 -22.61 -19.11
C GLU A 480 -2.51 -22.23 -18.14
N GLU A 481 -2.22 -21.24 -17.31
CA GLU A 481 -3.08 -20.87 -16.18
C GLU A 481 -4.35 -20.13 -16.63
N ASP A 482 -4.22 -19.30 -17.66
CA ASP A 482 -5.34 -18.47 -18.15
C ASP A 482 -5.82 -18.89 -19.54
N ASP A 483 -5.68 -20.17 -19.87
CA ASP A 483 -6.10 -20.67 -21.20
C ASP A 483 -7.54 -21.11 -21.07
N GLY A 484 -8.48 -20.18 -21.23
CA GLY A 484 -9.89 -20.50 -20.94
C GLY A 484 -10.81 -19.34 -21.20
N VAL A 485 -12.01 -19.40 -20.64
CA VAL A 485 -12.93 -18.26 -20.71
C VAL A 485 -13.39 -17.84 -19.31
N VAL A 486 -13.91 -16.62 -19.22
CA VAL A 486 -14.72 -16.28 -18.03
C VAL A 486 -16.17 -16.02 -18.47
N LEU A 487 -17.10 -16.37 -17.57
CA LEU A 487 -18.52 -16.23 -17.79
C LEU A 487 -19.03 -15.24 -16.76
N SER A 488 -19.86 -14.32 -17.18
CA SER A 488 -20.49 -13.36 -16.26
C SER A 488 -21.90 -13.12 -16.76
N VAL A 489 -22.81 -12.85 -15.83
CA VAL A 489 -24.19 -12.52 -16.17
C VAL A 489 -24.30 -11.01 -16.09
N VAL A 490 -24.73 -10.38 -17.18
CA VAL A 490 -24.73 -8.92 -17.32
C VAL A 490 -26.16 -8.37 -17.47
N VAL A 491 -26.50 -7.41 -16.61
CA VAL A 491 -27.78 -6.74 -16.67
C VAL A 491 -27.57 -5.46 -17.49
N SER A 492 -28.37 -5.30 -18.55
CA SER A 492 -28.20 -4.23 -19.55
C SER A 492 -29.54 -3.55 -19.80
N PRO A 493 -29.98 -2.67 -18.88
CA PRO A 493 -31.32 -2.11 -18.96
C PRO A 493 -31.53 -1.00 -19.98
N GLY A 494 -30.48 -0.55 -20.67
CA GLY A 494 -30.64 0.39 -21.78
C GLY A 494 -31.70 -0.09 -22.75
N ALA A 495 -32.61 0.83 -23.13
CA ALA A 495 -33.80 0.51 -23.96
C ALA A 495 -33.48 0.12 -25.42
N GLY A 496 -32.27 0.38 -25.90
CA GLY A 496 -31.79 -0.21 -27.16
C GLY A 496 -31.17 -1.62 -27.08
N GLN A 497 -31.51 -2.40 -26.05
CA GLN A 497 -30.88 -3.69 -25.78
C GLN A 497 -31.89 -4.61 -25.11
N LYS A 498 -31.73 -5.93 -25.27
CA LYS A 498 -32.42 -6.91 -24.41
C LYS A 498 -32.02 -6.70 -22.93
N PRO A 499 -32.86 -7.11 -21.96
CA PRO A 499 -32.59 -6.76 -20.55
C PRO A 499 -31.31 -7.33 -19.89
N ALA A 500 -30.81 -8.46 -20.40
CA ALA A 500 -29.69 -9.16 -19.79
C ALA A 500 -29.03 -10.12 -20.76
N TYR A 501 -27.82 -10.54 -20.42
CA TYR A 501 -27.14 -11.53 -21.23
C TYR A 501 -26.04 -12.28 -20.48
N LEU A 502 -25.75 -13.48 -20.96
CA LEU A 502 -24.58 -14.16 -20.54
C LEU A 502 -23.40 -13.71 -21.40
N LEU A 503 -22.32 -13.27 -20.74
CA LEU A 503 -21.11 -12.80 -21.45
C LEU A 503 -20.01 -13.85 -21.33
N ILE A 504 -19.36 -14.15 -22.45
CA ILE A 504 -18.21 -15.01 -22.46
C ILE A 504 -17.01 -14.20 -22.95
N LEU A 505 -15.97 -14.11 -22.11
CA LEU A 505 -14.74 -13.40 -22.45
C LEU A 505 -13.59 -14.38 -22.51
N ASN A 506 -12.65 -14.13 -23.39
CA ASN A 506 -11.40 -14.87 -23.38
C ASN A 506 -10.59 -14.47 -22.13
N ALA A 507 -10.19 -15.47 -21.35
CA ALA A 507 -9.43 -15.22 -20.12
C ALA A 507 -8.05 -14.59 -20.34
N LYS A 508 -7.46 -14.73 -21.54
CA LYS A 508 -6.13 -14.16 -21.83
C LYS A 508 -6.11 -12.65 -21.69
N ASP A 509 -7.07 -11.99 -22.31
CA ASP A 509 -7.10 -10.55 -22.42
C ASP A 509 -8.45 -9.92 -22.20
N LEU A 510 -9.43 -10.68 -21.72
CA LEU A 510 -10.80 -10.21 -21.55
C LEU A 510 -11.48 -9.67 -22.82
N SER A 511 -11.07 -10.12 -23.99
CA SER A 511 -11.79 -9.78 -25.21
C SER A 511 -13.03 -10.67 -25.32
N GLU A 512 -14.11 -10.11 -25.83
CA GLU A 512 -15.37 -10.81 -25.93
C GLU A 512 -15.30 -11.93 -26.97
N VAL A 513 -15.81 -13.11 -26.60
CA VAL A 513 -15.92 -14.26 -27.49
C VAL A 513 -17.37 -14.43 -27.98
N ALA A 514 -18.34 -14.17 -27.11
CA ALA A 514 -19.76 -14.36 -27.42
C ALA A 514 -20.65 -13.75 -26.35
N ARG A 515 -21.91 -13.54 -26.67
CA ARG A 515 -22.92 -13.32 -25.65
C ARG A 515 -24.24 -13.99 -25.98
N ALA A 516 -25.00 -14.32 -24.95
CA ALA A 516 -26.27 -15.03 -25.06
C ALA A 516 -27.36 -14.21 -24.36
N GLU A 517 -28.14 -13.48 -25.15
CA GLU A 517 -29.15 -12.55 -24.64
C GLU A 517 -30.45 -13.24 -24.28
N VAL A 518 -31.07 -12.79 -23.20
CA VAL A 518 -32.37 -13.28 -22.78
C VAL A 518 -33.34 -12.10 -22.72
N GLU A 519 -34.64 -12.39 -22.81
CA GLU A 519 -35.65 -11.33 -22.98
C GLU A 519 -36.28 -10.90 -21.66
N ILE A 520 -35.79 -11.41 -20.54
CA ILE A 520 -36.27 -11.01 -19.22
C ILE A 520 -35.14 -10.37 -18.38
N ASN A 521 -35.51 -9.62 -17.35
CA ASN A 521 -34.54 -9.07 -16.42
C ASN A 521 -33.96 -10.19 -15.53
N ILE A 522 -32.73 -9.94 -15.06
CA ILE A 522 -32.07 -10.77 -14.06
C ILE A 522 -31.60 -9.83 -12.94
N PRO A 523 -31.89 -10.15 -11.68
CA PRO A 523 -31.36 -9.27 -10.64
C PRO A 523 -29.91 -9.64 -10.29
N VAL A 524 -29.35 -8.87 -9.36
CA VAL A 524 -28.01 -9.11 -8.84
C VAL A 524 -27.88 -10.59 -8.39
N THR A 525 -26.71 -11.18 -8.68
CA THR A 525 -26.30 -12.45 -8.14
C THR A 525 -24.91 -12.29 -7.51
N PHE A 526 -24.64 -13.14 -6.53
CA PHE A 526 -23.44 -13.05 -5.74
C PHE A 526 -22.35 -14.02 -6.18
N HIS A 527 -22.60 -15.30 -5.97
CA HIS A 527 -21.62 -16.33 -6.28
C HIS A 527 -22.24 -17.49 -6.97
N GLY A 528 -21.37 -18.35 -7.47
CA GLY A 528 -21.80 -19.55 -8.16
C GLY A 528 -20.66 -20.42 -8.60
N LEU A 529 -20.96 -21.30 -9.54
CA LEU A 529 -19.97 -22.26 -10.05
C LEU A 529 -20.34 -22.65 -11.45
N PHE A 530 -19.37 -23.21 -12.14
CA PHE A 530 -19.61 -23.89 -13.40
C PHE A 530 -19.53 -25.39 -13.15
N LYS A 531 -20.58 -26.11 -13.53
CA LYS A 531 -20.67 -27.55 -13.33
C LYS A 531 -20.50 -28.16 -14.71
N LYS A 532 -19.38 -28.84 -14.91
CA LYS A 532 -19.06 -29.52 -16.16
C LYS A 532 -19.97 -30.73 -16.31
N SER A 533 -20.53 -30.90 -17.51
CA SER A 533 -21.29 -32.09 -17.82
C SER A 533 -20.69 -32.70 -19.09
CA MET B 1 10.80 1.99 -11.48
C MET B 1 11.89 1.23 -10.76
N SER B 2 11.84 -0.06 -10.96
CA SER B 2 12.84 -1.01 -10.44
C SER B 2 14.07 -1.11 -11.36
N SER B 3 15.17 -1.59 -10.78
CA SER B 3 16.39 -1.91 -11.50
C SER B 3 16.16 -3.21 -12.29
N GLN B 4 16.80 -3.31 -13.46
CA GLN B 4 16.89 -4.55 -14.21
C GLN B 4 18.35 -5.08 -14.31
N VAL B 5 19.19 -4.76 -13.31
CA VAL B 5 20.62 -5.02 -13.39
C VAL B 5 21.12 -5.60 -12.06
N GLU B 6 22.00 -6.62 -12.16
CA GLU B 6 22.85 -7.08 -11.05
C GLU B 6 24.21 -6.40 -11.15
N HIS B 7 24.99 -6.49 -10.07
CA HIS B 7 26.28 -5.79 -9.93
C HIS B 7 27.43 -6.71 -9.46
N PRO B 8 27.60 -7.90 -10.08
CA PRO B 8 28.65 -8.83 -9.65
C PRO B 8 30.07 -8.26 -9.75
N ALA B 9 30.32 -7.33 -10.69
CA ALA B 9 31.65 -6.71 -10.78
C ALA B 9 32.03 -5.82 -9.59
N GLY B 10 31.09 -5.50 -8.70
CA GLY B 10 31.40 -4.71 -7.50
C GLY B 10 31.82 -3.25 -7.71
N GLY B 11 31.51 -2.68 -8.86
CA GLY B 11 31.97 -1.32 -9.19
C GLY B 11 31.51 -0.22 -8.26
N TYR B 12 30.34 -0.45 -7.63
CA TYR B 12 29.79 0.44 -6.59
C TYR B 12 30.75 0.75 -5.44
N LYS B 13 31.76 -0.10 -5.23
CA LYS B 13 32.84 0.18 -4.24
C LYS B 13 33.56 1.51 -4.45
N LYS B 14 33.69 1.93 -5.71
CA LYS B 14 34.29 3.22 -6.04
C LYS B 14 33.58 4.46 -5.46
N LEU B 15 32.30 4.31 -5.11
CA LEU B 15 31.53 5.34 -4.43
C LEU B 15 32.11 5.67 -3.05
N PHE B 16 32.78 4.69 -2.45
CA PHE B 16 33.30 4.81 -1.09
C PHE B 16 34.84 4.75 -1.00
N GLU B 17 35.50 5.21 -2.06
CA GLU B 17 36.94 5.24 -2.15
C GLU B 17 37.42 6.70 -2.14
N THR B 18 38.40 6.96 -1.26
CA THR B 18 39.05 8.27 -1.18
C THR B 18 39.50 8.86 -2.53
N VAL B 19 39.33 10.18 -2.70
CA VAL B 19 39.83 10.88 -3.88
C VAL B 19 40.63 12.09 -3.43
N GLU B 20 41.35 12.67 -4.37
CA GLU B 20 42.09 13.92 -4.11
C GLU B 20 41.29 15.11 -4.62
N GLU B 21 41.35 16.24 -3.93
CA GLU B 21 40.80 17.48 -4.48
C GLU B 21 41.58 17.97 -5.70
N LEU B 22 41.03 18.95 -6.38
CA LEU B 22 41.70 19.55 -7.53
C LEU B 22 42.20 20.94 -7.21
N SER B 23 43.25 21.34 -7.91
CA SER B 23 43.82 22.71 -7.83
C SER B 23 42.95 23.72 -8.52
N SER B 24 42.40 23.34 -9.67
CA SER B 24 41.49 24.20 -10.43
C SER B 24 40.64 23.32 -11.37
N PRO B 25 39.63 23.89 -12.04
CA PRO B 25 38.72 23.02 -12.79
C PRO B 25 39.33 22.22 -13.95
N LEU B 26 38.82 21.00 -14.18
CA LEU B 26 39.09 20.18 -15.37
C LEU B 26 38.03 20.43 -16.43
N THR B 27 38.39 20.26 -17.68
CA THR B 27 37.41 20.19 -18.76
C THR B 27 36.75 18.83 -18.74
N ALA B 28 35.43 18.82 -18.85
CA ALA B 28 34.67 17.59 -19.01
C ALA B 28 34.36 17.44 -20.49
N HIS B 29 34.51 16.22 -20.98
CA HIS B 29 34.43 15.95 -22.41
C HIS B 29 32.99 15.58 -22.75
N VAL B 30 32.39 16.42 -23.58
CA VAL B 30 30.97 16.33 -23.91
C VAL B 30 30.68 15.34 -25.01
N THR B 31 29.68 14.47 -24.83
CA THR B 31 28.99 13.76 -25.95
C THR B 31 27.49 14.10 -25.88
N GLY B 32 26.81 14.19 -27.02
CA GLY B 32 25.51 14.80 -27.14
C GLY B 32 25.60 16.31 -27.08
N ARG B 33 24.53 16.97 -26.68
CA ARG B 33 24.44 18.42 -26.66
C ARG B 33 23.98 18.97 -25.29
N ILE B 34 24.89 19.65 -24.59
CA ILE B 34 24.56 20.34 -23.37
C ILE B 34 23.60 21.47 -23.76
N PRO B 35 22.41 21.55 -23.13
CA PRO B 35 21.47 22.63 -23.53
C PRO B 35 22.09 24.03 -23.44
N LEU B 36 21.85 24.88 -24.44
CA LEU B 36 22.52 26.20 -24.47
C LEU B 36 21.93 27.17 -23.48
N TRP B 37 20.71 26.91 -23.05
CA TRP B 37 20.04 27.66 -21.94
C TRP B 37 20.53 27.25 -20.54
N LEU B 38 21.34 26.21 -20.44
CA LEU B 38 21.85 25.73 -19.14
C LEU B 38 23.15 26.46 -18.78
N THR B 39 23.01 27.48 -17.93
CA THR B 39 24.08 28.39 -17.54
C THR B 39 24.15 28.51 -15.99
N GLY B 40 25.22 28.00 -15.38
CA GLY B 40 25.37 28.04 -13.93
C GLY B 40 26.13 26.82 -13.42
N SER B 41 25.89 26.47 -12.15
CA SER B 41 26.72 25.53 -11.41
C SER B 41 25.90 24.48 -10.70
N LEU B 42 26.18 23.21 -10.97
CA LEU B 42 25.66 22.14 -10.14
C LEU B 42 26.61 21.98 -8.95
N LEU B 43 26.13 22.30 -7.75
CA LEU B 43 26.92 22.14 -6.52
C LEU B 43 26.38 20.95 -5.72
N ARG B 44 27.27 20.05 -5.27
CA ARG B 44 26.88 18.84 -4.53
C ARG B 44 27.91 18.51 -3.46
N CYS B 45 27.44 17.89 -2.39
CA CYS B 45 28.27 17.48 -1.27
C CYS B 45 28.23 15.97 -1.05
N GLY B 46 29.35 15.43 -0.63
CA GLY B 46 29.49 14.02 -0.26
C GLY B 46 30.75 13.80 0.56
N PRO B 47 30.94 12.58 1.08
CA PRO B 47 32.24 12.24 1.67
C PRO B 47 33.28 12.04 0.58
N GLY B 48 34.50 12.47 0.86
CA GLY B 48 35.60 12.27 -0.09
C GLY B 48 36.87 11.66 0.48
N LEU B 49 37.01 11.63 1.81
CA LEU B 49 38.16 11.05 2.50
C LEU B 49 37.66 10.05 3.52
N PHE B 50 37.91 8.77 3.25
CA PHE B 50 37.28 7.69 4.02
C PHE B 50 38.19 7.08 5.05
N GLU B 51 39.40 7.63 5.16
CA GLU B 51 40.33 7.30 6.24
C GLU B 51 41.35 8.43 6.44
N VAL B 52 41.78 8.64 7.69
CA VAL B 52 42.91 9.54 8.02
C VAL B 52 44.12 8.65 8.34
N GLY B 53 44.95 8.44 7.34
CA GLY B 53 46.12 7.62 7.45
C GLY B 53 45.70 6.17 7.46
N SER B 54 45.97 5.51 8.58
CA SER B 54 45.59 4.14 8.81
C SER B 54 44.32 4.01 9.66
N GLU B 55 43.77 5.12 10.17
CA GLU B 55 42.52 5.09 10.94
C GLU B 55 41.32 5.22 9.98
N PRO B 56 40.45 4.19 9.95
CA PRO B 56 39.31 4.19 9.04
C PRO B 56 38.09 4.94 9.62
N PHE B 57 37.34 5.60 8.75
CA PHE B 57 35.95 5.96 9.07
C PHE B 57 35.06 4.71 8.83
N TYR B 58 34.07 4.47 9.70
CA TYR B 58 33.23 3.23 9.60
C TYR B 58 31.88 3.39 8.86
N HIS B 59 31.26 4.58 8.92
CA HIS B 59 29.90 4.76 8.39
C HIS B 59 29.88 5.62 7.13
N LEU B 60 28.82 5.39 6.35
CA LEU B 60 28.56 6.16 5.14
C LEU B 60 28.61 7.70 5.37
N PHE B 61 28.26 8.16 6.56
CA PHE B 61 28.08 9.56 6.84
C PHE B 61 29.27 10.16 7.63
N ASP B 62 30.43 9.48 7.58
CA ASP B 62 31.63 9.84 8.36
C ASP B 62 32.77 10.47 7.55
N GLY B 63 32.92 10.06 6.30
CA GLY B 63 33.94 10.59 5.45
C GLY B 63 33.87 12.10 5.29
N GLN B 64 35.03 12.71 5.07
CA GLN B 64 35.15 14.16 5.19
C GLN B 64 34.54 14.89 3.98
N ALA B 65 33.76 15.91 4.29
CA ALA B 65 33.02 16.64 3.30
C ALA B 65 33.87 17.12 2.16
N LEU B 66 33.38 16.83 0.96
CA LEU B 66 33.95 17.24 -0.32
C LEU B 66 32.87 18.01 -1.08
N LEU B 67 33.19 19.22 -1.53
CA LEU B 67 32.27 20.07 -2.29
C LEU B 67 32.63 19.97 -3.76
N HIS B 68 31.64 19.63 -4.57
CA HIS B 68 31.79 19.40 -6.00
C HIS B 68 31.06 20.46 -6.80
N LYS B 69 31.59 20.81 -7.98
CA LYS B 69 30.95 21.80 -8.87
C LYS B 69 31.10 21.43 -10.33
N PHE B 70 29.97 21.28 -11.03
CA PHE B 70 29.96 21.25 -12.50
C PHE B 70 29.43 22.58 -13.00
N ASP B 71 30.20 23.26 -13.87
CA ASP B 71 29.83 24.54 -14.45
C ASP B 71 29.43 24.34 -15.89
N PHE B 72 28.39 25.05 -16.30
CA PHE B 72 27.82 24.92 -17.61
C PHE B 72 27.78 26.32 -18.21
N LYS B 73 28.41 26.46 -19.39
CA LYS B 73 28.35 27.70 -20.16
C LYS B 73 28.48 27.39 -21.63
N GLU B 74 27.52 27.84 -22.43
CA GLU B 74 27.61 27.83 -23.90
C GLU B 74 27.99 26.43 -24.44
N GLY B 75 27.42 25.40 -23.82
CA GLY B 75 27.60 24.03 -24.26
C GLY B 75 28.83 23.30 -23.78
N HIS B 76 29.57 23.92 -22.87
CA HIS B 76 30.85 23.42 -22.35
C HIS B 76 30.71 23.19 -20.86
N VAL B 77 31.47 22.25 -20.33
CA VAL B 77 31.36 21.82 -18.93
C VAL B 77 32.73 21.71 -18.30
N THR B 78 32.84 22.25 -17.08
CA THR B 78 34.00 21.99 -16.24
C THR B 78 33.58 21.34 -14.94
N TYR B 79 34.54 20.66 -14.31
CA TYR B 79 34.36 19.97 -13.05
C TYR B 79 35.46 20.43 -12.10
N HIS B 80 35.10 20.61 -10.83
CA HIS B 80 36.02 21.05 -9.81
C HIS B 80 35.55 20.52 -8.44
N ARG B 81 36.49 20.27 -7.55
CA ARG B 81 36.15 19.85 -6.21
C ARG B 81 37.22 20.27 -5.20
N ARG B 82 36.77 20.60 -3.98
CA ARG B 82 37.62 20.96 -2.84
C ARG B 82 37.04 20.41 -1.57
N PHE B 83 37.91 19.90 -0.70
CA PHE B 83 37.51 19.54 0.64
C PHE B 83 37.09 20.79 1.41
N ILE B 84 36.05 20.64 2.23
CA ILE B 84 35.57 21.75 3.03
C ILE B 84 36.50 21.78 4.22
N ARG B 85 37.06 22.96 4.50
CA ARG B 85 37.96 23.16 5.65
C ARG B 85 37.18 23.33 6.93
N THR B 86 36.57 22.24 7.35
CA THR B 86 35.81 22.21 8.59
C THR B 86 36.82 22.05 9.71
N ASP B 87 36.39 22.22 10.96
CA ASP B 87 37.22 21.82 12.11
C ASP B 87 37.61 20.36 12.02
N ALA B 88 36.65 19.48 11.72
CA ALA B 88 36.94 18.05 11.62
C ALA B 88 38.07 17.78 10.65
N TYR B 89 38.03 18.41 9.49
CA TYR B 89 39.01 18.13 8.44
C TYR B 89 40.41 18.73 8.75
N VAL B 90 40.40 19.99 9.16
CA VAL B 90 41.60 20.78 9.45
C VAL B 90 42.38 20.13 10.60
N ARG B 91 41.69 19.85 11.68
CA ARG B 91 42.29 19.17 12.80
C ARG B 91 42.80 17.74 12.45
N ALA B 92 42.09 17.06 11.56
CA ALA B 92 42.56 15.76 11.10
C ALA B 92 43.85 15.91 10.32
N MET B 93 43.93 16.93 9.47
CA MET B 93 45.12 17.18 8.66
C MET B 93 46.31 17.63 9.54
N THR B 94 46.06 18.47 10.53
CA THR B 94 47.07 18.93 11.48
C THR B 94 47.61 17.75 12.28
N GLU B 95 46.72 17.04 12.98
CA GLU B 95 47.13 15.96 13.90
C GLU B 95 47.36 14.62 13.24
N LYS B 96 47.14 14.52 11.93
CA LYS B 96 47.32 13.26 11.16
C LYS B 96 46.60 12.04 11.79
N ARG B 97 45.40 12.27 12.31
CA ARG B 97 44.56 11.23 12.85
C ARG B 97 43.08 11.72 12.85
N ILE B 98 42.14 10.86 13.26
CA ILE B 98 40.75 11.26 13.41
C ILE B 98 40.62 11.98 14.75
N VAL B 99 40.28 13.27 14.71
CA VAL B 99 40.20 14.07 15.93
C VAL B 99 38.78 14.25 16.42
N ILE B 100 37.84 14.56 15.53
CA ILE B 100 36.44 14.74 15.94
C ILE B 100 35.65 13.42 15.72
N THR B 101 34.81 13.07 16.66
CA THR B 101 33.92 11.92 16.48
C THR B 101 32.88 12.21 15.37
N GLU B 102 32.80 11.30 14.41
CA GLU B 102 31.79 11.37 13.35
C GLU B 102 30.58 10.50 13.68
N PHE B 103 29.54 10.65 12.87
CA PHE B 103 28.29 9.91 13.02
C PHE B 103 28.46 8.45 13.52
N GLY B 104 29.24 7.65 12.80
CA GLY B 104 29.53 6.27 13.21
C GLY B 104 31.00 5.91 13.42
N THR B 105 31.84 6.89 13.80
CA THR B 105 33.28 6.63 14.05
C THR B 105 33.70 7.46 15.25
N CYS B 106 33.91 6.78 16.38
CA CYS B 106 34.45 7.42 17.59
C CYS B 106 35.93 7.77 17.39
N ALA B 107 36.33 8.97 17.79
CA ALA B 107 37.74 9.37 17.80
C ALA B 107 38.31 9.05 19.19
N PHE B 108 39.50 8.48 19.25
CA PHE B 108 40.15 8.20 20.57
C PHE B 108 41.00 9.43 21.06
N PRO B 109 41.26 9.54 22.40
CA PRO B 109 41.65 10.85 23.00
C PRO B 109 43.14 11.19 23.01
N GLY B 125 33.58 17.92 27.79
CA GLY B 125 33.59 16.63 27.16
C GLY B 125 34.19 16.76 25.78
N VAL B 126 33.36 16.57 24.74
CA VAL B 126 33.87 16.46 23.37
C VAL B 126 33.03 17.25 22.33
N GLU B 127 33.66 17.57 21.20
CA GLU B 127 33.16 18.52 20.22
C GLU B 127 32.19 17.86 19.22
N VAL B 128 31.10 18.56 18.90
CA VAL B 128 30.14 18.12 17.89
C VAL B 128 30.76 18.31 16.49
N THR B 129 30.58 17.31 15.63
CA THR B 129 31.12 17.40 14.26
C THR B 129 30.47 18.51 13.46
N ASP B 130 31.28 19.12 12.60
CA ASP B 130 30.84 20.14 11.64
C ASP B 130 31.18 19.64 10.22
N ASN B 131 31.36 18.32 10.08
CA ASN B 131 31.61 17.69 8.77
C ASN B 131 30.39 17.84 7.84
N ALA B 132 30.42 18.88 6.99
CA ALA B 132 29.24 19.31 6.20
C ALA B 132 29.13 18.54 4.88
N LEU B 133 28.91 17.24 4.99
CA LEU B 133 29.02 16.34 3.82
C LEU B 133 27.71 16.07 3.05
N VAL B 134 26.61 16.65 3.49
CA VAL B 134 25.27 16.22 3.09
C VAL B 134 24.63 17.11 2.05
N ASN B 135 24.60 18.42 2.29
CA ASN B 135 23.92 19.35 1.39
C ASN B 135 24.54 20.75 1.42
N ILE B 136 24.04 21.59 0.51
CA ILE B 136 24.37 22.98 0.39
C ILE B 136 23.10 23.78 0.03
N TYR B 137 22.93 24.95 0.67
CA TYR B 137 21.76 25.78 0.44
C TYR B 137 22.02 27.28 0.63
N PRO B 138 21.23 28.12 -0.04
CA PRO B 138 21.37 29.57 0.02
C PRO B 138 20.63 30.19 1.23
N VAL B 139 21.32 31.11 1.89
CA VAL B 139 20.76 32.03 2.87
C VAL B 139 21.21 33.45 2.47
N GLY B 140 20.25 34.38 2.28
CA GLY B 140 20.57 35.70 1.71
C GLY B 140 21.40 35.49 0.45
N GLU B 141 22.55 36.16 0.36
CA GLU B 141 23.47 36.01 -0.77
C GLU B 141 24.56 34.98 -0.49
N ASP B 142 24.48 34.24 0.61
CA ASP B 142 25.49 33.24 0.97
C ASP B 142 25.06 31.79 0.68
N TYR B 143 26.04 30.88 0.64
CA TYR B 143 25.75 29.45 0.52
C TYR B 143 26.37 28.73 1.70
N TYR B 144 25.63 27.75 2.22
CA TYR B 144 26.07 26.98 3.37
C TYR B 144 26.01 25.51 3.07
N ALA B 145 27.14 24.83 3.28
CA ALA B 145 27.22 23.38 3.32
C ALA B 145 26.79 22.98 4.73
N CYS B 146 26.14 21.82 4.85
CA CYS B 146 25.66 21.34 6.13
C CYS B 146 25.74 19.86 6.30
N THR B 147 25.68 19.44 7.57
CA THR B 147 25.33 18.10 7.97
C THR B 147 23.99 18.26 8.71
N GLU B 148 23.81 17.66 9.89
CA GLU B 148 22.56 17.83 10.64
C GLU B 148 22.75 18.36 12.06
N THR B 149 23.95 18.87 12.34
CA THR B 149 24.30 19.37 13.70
C THR B 149 24.06 20.87 13.79
N ASN B 150 24.50 21.48 14.88
CA ASN B 150 24.42 22.95 15.07
C ASN B 150 25.40 23.76 14.21
N PHE B 151 26.42 23.12 13.67
CA PHE B 151 27.41 23.75 12.82
C PHE B 151 27.09 23.66 11.30
N ILE B 152 26.96 24.80 10.66
CA ILE B 152 26.92 24.85 9.20
C ILE B 152 28.12 25.67 8.72
N THR B 153 28.57 25.40 7.50
CA THR B 153 29.81 25.97 7.02
C THR B 153 29.54 26.83 5.78
N LYS B 154 29.80 28.13 5.91
CA LYS B 154 29.71 29.07 4.78
C LYS B 154 30.82 28.76 3.77
N VAL B 155 30.42 28.68 2.50
CA VAL B 155 31.36 28.36 1.40
C VAL B 155 31.16 29.27 0.21
N ASN B 156 32.23 29.44 -0.55
CA ASN B 156 32.20 30.30 -1.73
C ASN B 156 31.81 29.42 -2.94
N PRO B 157 30.66 29.74 -3.60
CA PRO B 157 30.13 28.86 -4.68
C PRO B 157 30.90 28.88 -5.98
N GLU B 158 31.78 29.87 -6.16
CA GLU B 158 32.60 29.99 -7.35
C GLU B 158 33.96 29.35 -7.22
N THR B 159 34.62 29.55 -6.09
CA THR B 159 35.99 29.02 -5.87
C THR B 159 36.02 27.70 -5.08
N LEU B 160 34.91 27.43 -4.36
CA LEU B 160 34.77 26.30 -3.44
C LEU B 160 35.60 26.45 -2.17
N GLU B 161 36.04 27.67 -1.88
CA GLU B 161 36.76 27.94 -0.65
C GLU B 161 35.84 27.98 0.55
N THR B 162 36.40 27.63 1.68
CA THR B 162 35.69 27.60 2.94
C THR B 162 35.82 28.99 3.57
N ILE B 163 34.72 29.58 4.01
CA ILE B 163 34.72 30.96 4.46
C ILE B 163 34.67 30.99 5.99
N LYS B 164 33.64 30.36 6.56
CA LYS B 164 33.56 30.25 8.00
C LYS B 164 32.60 29.21 8.50
N GLN B 165 32.76 28.91 9.79
CA GLN B 165 31.88 28.07 10.56
C GLN B 165 30.83 28.93 11.21
N VAL B 166 29.59 28.46 11.27
CA VAL B 166 28.47 29.15 11.93
C VAL B 166 27.83 28.17 12.87
N ASP B 167 27.64 28.62 14.10
CA ASP B 167 27.08 27.83 15.15
C ASP B 167 25.67 28.39 15.30
N LEU B 168 24.67 27.61 14.90
CA LEU B 168 23.27 28.03 15.00
C LEU B 168 22.87 28.28 16.43
N CYS B 169 23.53 27.63 17.40
CA CYS B 169 23.26 27.87 18.82
C CYS B 169 23.50 29.32 19.29
N ASN B 170 24.34 30.07 18.61
CA ASN B 170 24.53 31.50 18.85
C ASN B 170 23.34 32.34 18.49
N TYR B 171 22.42 31.80 17.69
CA TYR B 171 21.28 32.57 17.16
C TYR B 171 19.92 32.04 17.57
N VAL B 172 19.75 30.74 17.74
CA VAL B 172 18.41 30.21 18.00
C VAL B 172 18.52 29.01 18.86
N SER B 173 17.40 28.71 19.47
CA SER B 173 17.31 27.66 20.44
C SER B 173 17.04 26.29 19.80
N VAL B 174 18.06 25.74 19.13
CA VAL B 174 18.03 24.35 18.63
C VAL B 174 19.37 23.67 18.85
N ASN B 175 19.36 22.35 18.99
CA ASN B 175 20.61 21.57 19.07
C ASN B 175 21.20 21.15 17.72
N GLY B 176 20.36 21.18 16.69
CA GLY B 176 20.80 20.94 15.34
C GLY B 176 19.72 21.37 14.39
N ALA B 177 19.97 21.25 13.10
CA ALA B 177 18.93 21.50 12.10
C ALA B 177 19.16 20.55 10.91
N THR B 178 18.09 20.18 10.21
CA THR B 178 18.23 19.17 9.13
C THR B 178 19.03 19.72 7.97
N ALA B 179 19.42 18.82 7.09
CA ALA B 179 20.06 19.21 5.83
C ALA B 179 19.04 19.52 4.74
N HIS B 180 17.75 19.64 5.10
CA HIS B 180 16.68 19.85 4.10
C HIS B 180 15.79 21.02 4.46
N PRO B 181 16.36 22.23 4.58
CA PRO B 181 15.49 23.40 4.79
C PRO B 181 14.63 23.62 3.55
N HIS B 182 13.42 24.10 3.73
CA HIS B 182 12.63 24.61 2.63
C HIS B 182 12.99 26.10 2.35
N ILE B 183 12.92 26.48 1.09
CA ILE B 183 13.30 27.78 0.64
C ILE B 183 12.19 28.36 -0.22
N GLU B 184 11.46 29.31 0.34
CA GLU B 184 10.43 30.06 -0.41
C GLU B 184 11.06 30.92 -1.50
N ASN B 185 10.27 31.32 -2.49
CA ASN B 185 10.83 31.99 -3.68
C ASN B 185 11.47 33.38 -3.37
N ASP B 186 11.03 34.06 -2.31
CA ASP B 186 11.68 35.29 -1.87
C ASP B 186 12.98 35.09 -1.03
N GLY B 187 13.45 33.85 -0.86
CA GLY B 187 14.67 33.56 -0.08
C GLY B 187 14.45 33.23 1.40
N THR B 188 13.23 33.35 1.90
CA THR B 188 12.91 32.91 3.26
C THR B 188 13.23 31.40 3.38
N VAL B 189 13.89 31.05 4.49
CA VAL B 189 14.36 29.71 4.76
C VAL B 189 13.65 29.21 5.99
N TYR B 190 13.07 28.01 5.89
CA TYR B 190 12.53 27.33 7.03
C TYR B 190 13.30 26.03 7.25
N ASN B 191 13.50 25.68 8.51
CA ASN B 191 14.09 24.41 8.85
C ASN B 191 13.53 23.91 10.16
N ILE B 192 13.82 22.65 10.49
CA ILE B 192 13.38 22.06 11.74
C ILE B 192 14.60 21.48 12.43
N GLY B 193 14.58 21.51 13.76
CA GLY B 193 15.70 20.99 14.55
C GLY B 193 15.19 20.48 15.90
N ASN B 194 15.87 19.48 16.44
CA ASN B 194 15.65 19.03 17.81
C ASN B 194 16.01 20.14 18.80
N CYS B 195 15.30 20.16 19.93
CA CYS B 195 15.61 21.02 21.07
C CYS B 195 15.64 20.21 22.36
N PHE B 196 16.86 19.98 22.90
CA PHE B 196 17.11 19.24 24.18
C PHE B 196 17.31 20.15 25.42
N ILE B 202 11.70 19.76 26.02
CA ILE B 202 12.02 19.02 24.82
C ILE B 202 10.98 19.24 23.72
N ALA B 203 11.44 19.63 22.52
CA ALA B 203 10.53 19.86 21.40
C ALA B 203 11.25 19.72 20.07
N TYR B 204 10.50 19.91 18.96
CA TYR B 204 11.10 20.11 17.64
C TYR B 204 10.73 21.51 17.22
N ASN B 205 11.72 22.35 16.92
CA ASN B 205 11.47 23.78 16.62
C ASN B 205 11.60 24.09 15.16
N ILE B 206 10.66 24.85 14.64
CA ILE B 206 10.77 25.39 13.29
C ILE B 206 11.52 26.74 13.37
N VAL B 207 12.66 26.80 12.69
CA VAL B 207 13.44 28.01 12.53
C VAL B 207 13.06 28.70 11.23
N LYS B 208 12.95 30.04 11.27
CA LYS B 208 12.74 30.88 10.09
C LYS B 208 13.88 31.89 9.95
N ILE B 209 14.50 31.92 8.79
CA ILE B 209 15.53 32.85 8.45
C ILE B 209 14.98 33.73 7.33
N PRO B 210 14.94 35.05 7.53
CA PRO B 210 14.26 35.87 6.55
C PRO B 210 15.14 36.14 5.33
N PRO B 211 14.52 36.66 4.26
CA PRO B 211 15.34 37.10 3.11
C PRO B 211 16.28 38.25 3.48
N LEU B 212 17.29 38.50 2.65
CA LEU B 212 18.19 39.63 2.85
C LEU B 212 17.41 40.93 2.70
N GLN B 213 17.56 41.83 3.68
CA GLN B 213 16.84 43.11 3.72
C GLN B 213 17.68 44.24 3.11
N ALA B 214 17.12 45.43 3.11
CA ALA B 214 17.83 46.62 2.64
C ALA B 214 19.14 46.87 3.45
N ASP B 215 19.08 46.77 4.79
CA ASP B 215 20.27 46.94 5.66
C ASP B 215 21.47 46.03 5.36
N LYS B 216 21.28 44.97 4.58
CA LYS B 216 22.37 44.08 4.18
C LYS B 216 23.01 43.28 5.34
N GLU B 217 22.42 43.32 6.54
CA GLU B 217 22.89 42.51 7.67
C GLU B 217 22.62 41.01 7.39
N ASP B 218 23.41 40.17 8.04
CA ASP B 218 23.38 38.74 7.79
C ASP B 218 22.03 38.20 8.30
N PRO B 219 21.23 37.58 7.40
CA PRO B 219 19.89 37.10 7.80
C PRO B 219 19.87 36.09 8.91
N ILE B 220 20.99 35.37 9.13
CA ILE B 220 21.07 34.44 10.27
C ILE B 220 20.92 35.17 11.60
N SER B 221 21.42 36.40 11.70
CA SER B 221 21.23 37.17 12.94
C SER B 221 19.77 37.58 13.18
N LYS B 222 18.91 37.51 12.17
CA LYS B 222 17.46 37.69 12.35
C LYS B 222 16.62 36.39 12.46
N SER B 223 17.27 35.26 12.69
CA SER B 223 16.61 33.95 12.90
C SER B 223 15.67 33.96 14.06
N GLU B 224 14.60 33.20 13.97
CA GLU B 224 13.72 32.97 15.11
C GLU B 224 12.99 31.63 15.07
N ILE B 225 12.64 31.11 16.23
CA ILE B 225 11.73 30.00 16.33
C ILE B 225 10.34 30.55 16.08
N VAL B 226 9.62 30.04 15.07
CA VAL B 226 8.21 30.45 14.85
C VAL B 226 7.12 29.49 15.36
N VAL B 227 7.43 28.21 15.50
CA VAL B 227 6.47 27.29 16.08
C VAL B 227 7.19 26.06 16.60
N GLN B 228 6.52 25.37 17.50
CA GLN B 228 7.08 24.22 18.15
C GLN B 228 6.15 23.05 18.04
N PHE B 229 6.73 21.88 17.80
CA PHE B 229 6.00 20.63 17.77
C PHE B 229 6.36 19.88 19.04
N PRO B 230 5.38 19.23 19.68
CA PRO B 230 5.64 18.48 20.88
C PRO B 230 6.31 17.14 20.61
N CYS B 231 6.93 16.58 21.64
CA CYS B 231 7.61 15.32 21.57
C CYS B 231 6.77 14.23 22.22
N SER B 232 6.77 13.02 21.63
CA SER B 232 5.95 11.92 22.13
C SER B 232 6.48 11.29 23.41
N ASP B 233 7.75 11.50 23.69
CA ASP B 233 8.44 10.88 24.79
C ASP B 233 9.40 11.96 25.32
N ARG B 234 9.07 12.46 26.51
CA ARG B 234 9.89 13.39 27.29
C ARG B 234 11.41 13.24 27.14
N PHE B 235 11.89 12.02 27.24
CA PHE B 235 13.34 11.73 27.25
C PHE B 235 13.89 11.17 25.96
N LYS B 236 13.02 10.86 24.99
CA LYS B 236 13.50 10.25 23.75
C LYS B 236 12.89 10.92 22.53
N PRO B 237 13.49 12.03 22.08
CA PRO B 237 13.02 12.66 20.84
C PRO B 237 13.33 11.81 19.60
N SER B 238 12.52 11.98 18.56
CA SER B 238 12.73 11.28 17.31
C SER B 238 13.81 11.94 16.51
N TYR B 239 14.55 11.11 15.79
CA TYR B 239 15.38 11.55 14.67
C TYR B 239 14.49 12.20 13.61
N VAL B 240 14.93 13.34 13.08
CA VAL B 240 14.21 14.07 12.07
C VAL B 240 15.18 14.47 10.96
N HIS B 241 14.79 14.14 9.73
CA HIS B 241 15.63 14.32 8.55
C HIS B 241 15.12 15.43 7.62
N SER B 242 13.82 15.66 7.59
CA SER B 242 13.18 16.59 6.68
C SER B 242 11.75 16.85 7.14
N PHE B 243 11.08 17.77 6.47
CA PHE B 243 9.70 18.14 6.84
C PHE B 243 8.97 18.70 5.63
N GLY B 244 7.65 18.81 5.73
CA GLY B 244 6.84 19.36 4.62
C GLY B 244 6.38 20.78 4.86
N LEU B 245 6.18 21.52 3.78
CA LEU B 245 5.78 22.92 3.84
C LEU B 245 4.83 23.27 2.70
N THR B 246 3.74 23.97 3.03
CA THR B 246 2.80 24.46 2.00
C THR B 246 2.66 25.97 2.26
N PRO B 247 1.87 26.67 1.43
CA PRO B 247 1.73 28.10 1.72
C PRO B 247 1.21 28.34 3.13
N ASN B 248 0.31 27.47 3.61
CA ASN B 248 -0.33 27.67 4.90
C ASN B 248 0.02 26.73 6.02
N TYR B 249 0.69 25.61 5.71
CA TYR B 249 0.96 24.63 6.74
C TYR B 249 2.37 24.14 6.75
N ILE B 250 2.74 23.64 7.92
CA ILE B 250 3.99 22.94 8.15
C ILE B 250 3.65 21.52 8.59
N VAL B 251 4.32 20.52 8.02
CA VAL B 251 4.05 19.12 8.36
C VAL B 251 5.30 18.43 8.88
N PHE B 252 5.14 17.78 10.02
CA PHE B 252 6.25 17.13 10.71
C PHE B 252 5.88 15.67 11.00
N VAL B 253 6.74 14.74 10.59
CA VAL B 253 6.46 13.32 10.78
C VAL B 253 7.35 12.76 11.88
N GLU B 254 6.73 12.33 12.98
CA GLU B 254 7.46 11.86 14.15
C GLU B 254 7.55 10.34 14.11
N THR B 255 8.74 9.82 13.83
CA THR B 255 8.93 8.40 13.57
C THR B 255 9.36 7.67 14.82
N PRO B 256 9.32 6.32 14.77
CA PRO B 256 9.76 5.57 15.93
C PRO B 256 11.27 5.39 16.06
N VAL B 257 12.07 6.00 15.19
CA VAL B 257 13.52 6.04 15.39
C VAL B 257 13.81 7.16 16.38
N LYS B 258 14.25 6.77 17.57
CA LYS B 258 14.48 7.69 18.71
C LYS B 258 15.96 7.89 19.03
N ILE B 259 16.27 9.06 19.57
CA ILE B 259 17.60 9.41 20.08
C ILE B 259 17.53 9.24 21.59
N ASN B 260 18.35 8.35 22.15
CA ASN B 260 18.37 8.10 23.60
C ASN B 260 19.18 9.20 24.27
N LEU B 261 18.50 10.17 24.88
CA LEU B 261 19.18 11.31 25.52
C LEU B 261 20.08 10.89 26.72
N PHE B 262 19.71 9.84 27.46
CA PHE B 262 20.62 9.30 28.49
C PHE B 262 21.98 8.90 27.87
N LYS B 263 22.00 8.32 26.68
CA LYS B 263 23.27 8.06 25.97
C LYS B 263 23.88 9.29 25.27
N PHE B 264 23.04 10.14 24.66
CA PHE B 264 23.51 11.29 23.85
C PHE B 264 24.30 12.27 24.75
N LEU B 265 23.70 12.62 25.89
CA LEU B 265 24.24 13.60 26.86
C LEU B 265 25.19 13.02 27.94
N SER B 266 25.33 11.70 28.03
CA SER B 266 26.39 11.06 28.83
C SER B 266 27.76 11.48 28.27
N SER B 267 28.84 11.30 29.04
CA SER B 267 30.21 11.56 28.54
C SER B 267 30.72 10.42 27.62
N TRP B 268 30.89 10.77 26.34
CA TRP B 268 31.32 9.84 25.28
C TRP B 268 32.78 9.39 25.36
N SER B 269 33.61 10.15 26.08
CA SER B 269 35.02 9.79 26.30
C SER B 269 35.16 8.53 27.16
N LEU B 270 34.45 8.52 28.30
CA LEU B 270 34.35 7.33 29.18
C LEU B 270 33.83 6.11 28.42
N TRP B 271 32.59 6.20 27.92
CA TRP B 271 31.95 5.05 27.27
C TRP B 271 32.51 4.71 25.86
N GLY B 272 33.18 5.66 25.19
CA GLY B 272 33.69 5.48 23.81
C GLY B 272 32.58 5.45 22.74
N ALA B 273 31.61 6.38 22.85
CA ALA B 273 30.43 6.36 22.01
C ALA B 273 30.45 7.33 20.81
N ASN B 274 29.66 6.98 19.81
CA ASN B 274 29.38 7.81 18.67
C ASN B 274 27.87 8.10 18.54
N TYR B 275 27.49 8.71 17.43
CA TYR B 275 26.08 9.13 17.23
C TYR B 275 25.17 7.91 17.01
N MET B 276 25.58 6.98 16.14
CA MET B 276 24.88 5.70 15.93
C MET B 276 24.56 4.97 17.22
N ASP B 277 25.44 5.01 18.22
CA ASP B 277 25.20 4.29 19.48
C ASP B 277 24.05 4.87 20.26
N CYS B 278 23.54 6.05 19.90
CA CYS B 278 22.48 6.67 20.65
C CYS B 278 21.07 6.39 20.10
N PHE B 279 20.96 5.69 18.98
CA PHE B 279 19.62 5.43 18.39
C PHE B 279 18.96 4.19 18.96
N GLU B 280 17.66 4.24 19.15
CA GLU B 280 16.85 3.04 19.46
C GLU B 280 15.49 3.18 18.80
N SER B 281 14.79 2.05 18.68
CA SER B 281 13.50 2.03 17.99
C SER B 281 12.41 1.81 19.00
N ASN B 282 11.39 2.64 19.00
CA ASN B 282 10.23 2.43 19.84
C ASN B 282 9.31 1.50 19.09
N GLU B 283 9.01 0.36 19.66
CA GLU B 283 8.24 -0.68 18.96
C GLU B 283 6.75 -0.43 18.85
N THR B 284 6.19 0.36 19.75
CA THR B 284 4.75 0.40 19.93
C THR B 284 4.11 1.69 19.49
N MET B 285 4.87 2.79 19.32
CA MET B 285 4.22 4.08 18.98
C MET B 285 3.74 4.21 17.52
N GLY B 286 4.33 3.44 16.59
CA GLY B 286 4.06 3.66 15.16
C GLY B 286 4.65 5.02 14.75
N VAL B 287 3.95 5.70 13.85
CA VAL B 287 4.33 7.04 13.39
C VAL B 287 3.24 8.04 13.80
N TRP B 288 3.67 9.17 14.36
CA TRP B 288 2.75 10.30 14.70
C TRP B 288 2.98 11.45 13.71
N LEU B 289 1.92 11.94 13.08
CA LEU B 289 2.05 13.05 12.15
C LEU B 289 1.41 14.29 12.75
N HIS B 290 2.06 15.43 12.48
CA HIS B 290 1.80 16.69 13.12
C HIS B 290 1.69 17.78 12.08
N ILE B 291 0.73 18.68 12.24
CA ILE B 291 0.65 19.88 11.42
C ILE B 291 0.63 21.13 12.29
N ALA B 292 1.17 22.22 11.73
CA ALA B 292 1.11 23.55 12.31
C ALA B 292 0.60 24.53 11.28
N ASP B 293 -0.16 25.51 11.76
CA ASP B 293 -0.54 26.69 10.98
C ASP B 293 0.71 27.55 10.79
N LYS B 294 1.14 27.75 9.54
CA LYS B 294 2.37 28.45 9.25
C LYS B 294 2.23 29.97 9.56
N LYS B 295 1.19 30.57 9.02
CA LYS B 295 0.96 32.02 9.13
C LYS B 295 0.55 32.47 10.53
N ARG B 296 -0.31 31.71 11.21
CA ARG B 296 -0.67 32.02 12.58
C ARG B 296 0.31 31.45 13.57
N LYS B 297 1.32 30.70 13.12
CA LYS B 297 2.42 30.22 13.97
C LYS B 297 1.91 29.40 15.16
N LYS B 298 1.13 28.37 14.89
CA LYS B 298 0.34 27.68 15.90
C LYS B 298 0.31 26.17 15.61
N TYR B 299 0.68 25.36 16.61
CA TYR B 299 0.50 23.92 16.57
C TYR B 299 -0.96 23.55 16.55
N ILE B 300 -1.36 22.64 15.67
CA ILE B 300 -2.72 22.14 15.60
C ILE B 300 -2.79 20.79 16.29
N ASN B 301 -3.79 20.62 17.15
CA ASN B 301 -3.84 19.43 17.98
C ASN B 301 -4.65 18.31 17.34
N ASN B 302 -4.16 17.79 16.23
CA ASN B 302 -4.79 16.68 15.55
C ASN B 302 -3.83 15.51 15.71
N LYS B 303 -4.32 14.44 16.31
CA LYS B 303 -3.51 13.27 16.60
C LYS B 303 -3.54 12.27 15.42
N TYR B 304 -2.83 12.62 14.35
CA TYR B 304 -2.67 11.70 13.22
C TYR B 304 -1.73 10.56 13.62
N ARG B 305 -2.16 9.34 13.33
CA ARG B 305 -1.42 8.14 13.71
C ARG B 305 -1.39 7.14 12.58
N THR B 306 -0.26 6.46 12.42
CA THR B 306 -0.22 5.31 11.51
C THR B 306 0.85 4.27 11.91
N SER B 307 0.98 3.23 11.10
CA SER B 307 1.97 2.16 11.26
C SER B 307 3.42 2.63 11.25
N PRO B 308 4.37 1.79 11.69
CA PRO B 308 5.79 2.24 11.77
C PRO B 308 6.54 2.29 10.43
N PHE B 309 7.27 3.38 10.23
CA PHE B 309 8.20 3.47 9.13
C PHE B 309 9.31 4.41 9.49
N ASN B 310 10.47 4.21 8.85
CA ASN B 310 11.51 5.25 8.80
C ASN B 310 11.12 6.21 7.67
N LEU B 311 11.47 7.48 7.84
CA LEU B 311 11.32 8.51 6.83
C LEU B 311 12.57 9.38 6.81
N PHE B 312 13.16 9.50 5.62
CA PHE B 312 14.21 10.47 5.37
C PHE B 312 13.67 11.67 4.59
N HIS B 313 13.08 11.42 3.43
CA HIS B 313 12.76 12.47 2.49
C HIS B 313 11.29 12.60 2.21
N HIS B 314 10.73 13.74 2.60
CA HIS B 314 9.47 14.19 2.05
C HIS B 314 9.70 14.44 0.55
N ILE B 315 8.70 14.18 -0.28
CA ILE B 315 8.78 14.46 -1.72
C ILE B 315 8.19 15.84 -1.98
N ASN B 316 6.92 16.01 -1.59
CA ASN B 316 6.23 17.28 -1.76
C ASN B 316 4.98 17.25 -0.91
N THR B 317 4.47 18.42 -0.58
CA THR B 317 3.30 18.52 0.26
C THR B 317 2.41 19.55 -0.36
N TYR B 318 1.09 19.35 -0.36
CA TYR B 318 0.23 20.41 -0.85
C TYR B 318 -1.18 20.36 -0.29
N GLU B 319 -1.93 21.44 -0.51
CA GLU B 319 -3.27 21.63 0.01
C GLU B 319 -4.27 21.35 -1.09
N ASP B 320 -5.33 20.62 -0.76
CA ASP B 320 -6.36 20.30 -1.76
C ASP B 320 -7.66 20.25 -0.99
N HIS B 321 -8.49 21.27 -1.18
CA HIS B 321 -9.73 21.47 -0.41
C HIS B 321 -9.39 21.36 1.05
N GLU B 322 -10.08 20.64 1.87
CA GLU B 322 -9.67 20.81 3.29
C GLU B 322 -8.64 19.74 3.77
N PHE B 323 -7.70 19.38 2.91
CA PHE B 323 -6.85 18.21 3.12
C PHE B 323 -5.41 18.53 2.79
N LEU B 324 -4.48 17.98 3.55
CA LEU B 324 -3.07 18.01 3.17
C LEU B 324 -2.62 16.69 2.54
N ILE B 325 -2.06 16.78 1.32
CA ILE B 325 -1.50 15.67 0.59
C ILE B 325 -0.02 15.63 0.95
N VAL B 326 0.43 14.51 1.53
CA VAL B 326 1.76 14.35 2.09
C VAL B 326 2.44 13.14 1.38
N ASP B 327 3.31 13.43 0.44
CA ASP B 327 3.99 12.41 -0.35
C ASP B 327 5.38 12.18 0.25
N LEU B 328 5.66 10.91 0.60
CA LEU B 328 6.82 10.48 1.38
C LEU B 328 7.54 9.30 0.73
N CYS B 329 8.86 9.30 0.88
CA CYS B 329 9.67 8.12 0.67
C CYS B 329 9.83 7.36 2.02
N CYS B 330 9.10 6.27 2.18
CA CYS B 330 9.07 5.51 3.41
C CYS B 330 9.94 4.25 3.35
N TRP B 331 10.25 3.75 4.53
CA TRP B 331 10.91 2.46 4.73
C TRP B 331 10.09 1.69 5.75
N LYS B 332 9.46 0.60 5.33
CA LYS B 332 8.47 -0.11 6.12
C LYS B 332 9.14 -0.95 7.23
N GLY B 333 8.98 -0.50 8.47
CA GLY B 333 9.62 -1.10 9.63
C GLY B 333 10.07 -0.04 10.63
N PHE B 334 10.45 -0.48 11.82
CA PHE B 334 10.95 0.44 12.85
C PHE B 334 12.47 0.37 13.09
N GLU B 335 13.13 -0.65 12.55
CA GLU B 335 14.59 -0.72 12.65
C GLU B 335 15.17 0.47 11.89
N PHE B 336 16.24 1.04 12.42
CA PHE B 336 16.86 2.18 11.79
C PHE B 336 17.59 1.77 10.52
N VAL B 337 17.17 2.31 9.39
CA VAL B 337 17.77 1.97 8.10
C VAL B 337 19.26 2.29 8.08
N TYR B 338 19.70 3.32 8.83
CA TYR B 338 21.13 3.66 8.88
C TYR B 338 22.04 2.51 9.39
N ASN B 339 21.48 1.55 10.13
CA ASN B 339 22.21 0.31 10.49
C ASN B 339 22.78 -0.48 9.32
N TYR B 340 22.17 -0.36 8.14
CA TYR B 340 22.58 -1.07 6.95
C TYR B 340 23.60 -0.31 6.15
N LEU B 341 24.06 0.84 6.64
CA LEU B 341 24.93 1.73 5.86
C LEU B 341 26.34 1.93 6.45
N TYR B 342 26.86 0.96 7.22
CA TYR B 342 28.28 0.90 7.51
C TYR B 342 29.02 0.65 6.21
N LEU B 343 30.18 1.30 6.02
CA LEU B 343 30.98 1.11 4.80
C LEU B 343 31.40 -0.34 4.55
N ALA B 344 31.71 -1.08 5.61
CA ALA B 344 32.06 -2.52 5.50
C ALA B 344 30.95 -3.33 4.79
N ASN B 345 29.68 -3.05 5.10
CA ASN B 345 28.55 -3.69 4.43
C ASN B 345 28.46 -3.23 2.95
N LEU B 346 28.53 -1.92 2.72
CA LEU B 346 28.39 -1.36 1.39
C LEU B 346 29.56 -1.72 0.46
N ARG B 347 30.70 -2.12 1.04
CA ARG B 347 31.86 -2.59 0.24
C ARG B 347 31.94 -4.09 0.01
N GLU B 348 30.99 -4.86 0.56
CA GLU B 348 30.91 -6.30 0.30
C GLU B 348 30.62 -6.58 -1.18
N ASN B 349 30.83 -7.81 -1.57
CA ASN B 349 30.47 -8.26 -2.92
C ASN B 349 28.95 -8.39 -3.05
N TRP B 350 28.49 -8.41 -4.29
CA TRP B 350 27.10 -8.17 -4.61
C TRP B 350 26.12 -9.14 -3.97
N GLU B 351 26.48 -10.44 -3.95
CA GLU B 351 25.61 -11.46 -3.29
C GLU B 351 25.46 -11.20 -1.82
N GLU B 352 26.53 -10.77 -1.17
CA GLU B 352 26.50 -10.42 0.25
C GLU B 352 25.74 -9.11 0.52
N VAL B 353 25.87 -8.13 -0.37
CA VAL B 353 25.06 -6.88 -0.30
C VAL B 353 23.57 -7.21 -0.34
N LYS B 354 23.14 -8.04 -1.30
CA LYS B 354 21.75 -8.42 -1.38
C LYS B 354 21.28 -9.18 -0.15
N LYS B 355 22.10 -10.13 0.31
CA LYS B 355 21.79 -10.89 1.53
C LYS B 355 21.64 -9.99 2.74
N ASN B 356 22.58 -9.07 2.94
CA ASN B 356 22.51 -8.14 4.08
C ASN B 356 21.27 -7.30 4.08
N ALA B 357 20.76 -6.95 2.91
CA ALA B 357 19.57 -6.10 2.85
C ALA B 357 18.22 -6.83 3.00
N ARG B 358 18.23 -8.17 3.03
N ARG B 358 18.20 -8.16 3.02
CA ARG B 358 16.99 -8.98 3.05
CA ARG B 358 16.90 -8.84 2.96
C ARG B 358 16.06 -8.65 4.21
C ARG B 358 16.04 -8.69 4.23
N LYS B 359 16.65 -8.43 5.39
CA LYS B 359 15.88 -8.13 6.60
C LYS B 359 15.72 -6.66 6.90
N ALA B 360 16.23 -5.79 6.00
CA ALA B 360 16.03 -4.35 6.19
C ALA B 360 14.56 -3.98 5.95
N PRO B 361 14.14 -2.83 6.47
CA PRO B 361 12.84 -2.30 6.06
C PRO B 361 12.77 -2.14 4.54
N GLN B 362 11.55 -2.31 4.01
CA GLN B 362 11.30 -2.20 2.58
C GLN B 362 10.94 -0.76 2.21
N PRO B 363 11.58 -0.23 1.14
CA PRO B 363 11.21 1.09 0.70
C PRO B 363 9.86 1.10 -0.02
N GLU B 364 9.14 2.21 0.13
CA GLU B 364 7.85 2.38 -0.54
C GLU B 364 7.49 3.87 -0.57
N VAL B 365 7.14 4.38 -1.74
CA VAL B 365 6.58 5.70 -1.85
C VAL B 365 5.08 5.65 -1.48
N ARG B 366 4.70 6.51 -0.55
CA ARG B 366 3.34 6.58 -0.01
C ARG B 366 2.80 8.01 0.00
N ARG B 367 1.51 8.10 -0.33
CA ARG B 367 0.76 9.32 -0.20
C ARG B 367 -0.17 9.17 1.00
N TYR B 368 0.00 10.06 1.98
CA TYR B 368 -0.92 10.19 3.10
C TYR B 368 -1.77 11.43 2.90
N VAL B 369 -3.02 11.35 3.37
CA VAL B 369 -3.95 12.45 3.23
C VAL B 369 -4.48 12.86 4.61
N LEU B 370 -4.21 14.11 5.00
CA LEU B 370 -4.50 14.58 6.38
C LEU B 370 -5.74 15.49 6.36
N PRO B 371 -6.87 15.05 6.92
CA PRO B 371 -8.00 15.99 6.96
C PRO B 371 -7.75 17.13 7.94
N LEU B 372 -8.11 18.35 7.51
CA LEU B 372 -8.03 19.55 8.35
C LEU B 372 -9.33 19.82 9.12
N ASN B 373 -10.48 19.49 8.54
CA ASN B 373 -11.78 19.63 9.25
C ASN B 373 -12.27 18.29 9.80
N ILE B 374 -12.08 18.10 11.09
CA ILE B 374 -12.47 16.89 11.78
C ILE B 374 -13.83 17.17 12.47
N ASP B 375 -14.91 16.59 11.95
CA ASP B 375 -16.23 16.61 12.61
C ASP B 375 -16.46 15.35 13.49
N LYS B 376 -16.66 15.54 14.80
CA LYS B 376 -17.00 14.46 15.74
C LYS B 376 -18.15 13.53 15.31
N ALA B 377 -19.11 14.11 14.60
CA ALA B 377 -20.19 13.33 14.01
C ALA B 377 -19.72 12.22 13.04
N ASP B 378 -18.54 12.36 12.46
CA ASP B 378 -17.96 11.29 11.61
C ASP B 378 -17.09 10.29 12.36
N THR B 379 -17.16 10.25 13.69
CA THR B 379 -16.44 9.24 14.44
C THR B 379 -16.73 7.82 13.88
N GLY B 380 -15.64 7.08 13.64
CA GLY B 380 -15.69 5.72 13.09
C GLY B 380 -15.62 5.62 11.58
N LYS B 381 -15.66 6.76 10.90
CA LYS B 381 -15.66 6.79 9.46
C LYS B 381 -14.35 7.32 8.88
N ASN B 382 -14.24 7.17 7.56
CA ASN B 382 -13.18 7.65 6.75
C ASN B 382 -13.46 9.11 6.40
N LEU B 383 -12.56 10.02 6.79
CA LEU B 383 -12.74 11.46 6.53
C LEU B 383 -12.24 11.91 5.18
N VAL B 384 -11.51 11.06 4.46
CA VAL B 384 -10.91 11.44 3.18
C VAL B 384 -11.92 11.27 2.07
N THR B 385 -12.65 12.35 1.82
CA THR B 385 -13.77 12.39 0.87
C THR B 385 -13.31 12.86 -0.52
N LEU B 386 -12.03 13.18 -0.68
CA LEU B 386 -11.49 13.49 -1.98
C LEU B 386 -11.75 12.38 -3.02
N PRO B 387 -11.95 12.77 -4.29
CA PRO B 387 -12.40 11.83 -5.32
C PRO B 387 -11.31 11.01 -6.04
N ASN B 388 -10.06 11.39 -5.86
CA ASN B 388 -8.91 10.98 -6.65
CA ASN B 388 -9.01 10.77 -6.70
C ASN B 388 -7.87 10.19 -5.85
N THR B 389 -8.21 9.70 -4.64
CA THR B 389 -7.22 8.99 -3.80
C THR B 389 -7.87 7.77 -3.12
N THR B 390 -7.03 6.77 -2.78
CA THR B 390 -7.41 5.67 -1.89
C THR B 390 -6.85 5.76 -0.49
N ALA B 391 -6.17 6.85 -0.18
CA ALA B 391 -5.76 7.13 1.19
C ALA B 391 -7.01 7.34 2.08
N THR B 392 -6.88 6.93 3.34
CA THR B 392 -7.94 6.99 4.31
C THR B 392 -7.44 7.59 5.62
N ALA B 393 -8.39 8.12 6.39
CA ALA B 393 -8.13 8.71 7.68
C ALA B 393 -9.35 8.46 8.55
N ILE B 394 -9.21 7.59 9.55
CA ILE B 394 -10.33 7.14 10.36
C ILE B 394 -10.32 7.87 11.68
N LEU B 395 -11.41 8.58 11.96
CA LEU B 395 -11.57 9.25 13.26
C LEU B 395 -12.03 8.24 14.33
N CYS B 396 -11.17 8.02 15.31
CA CYS B 396 -11.43 7.14 16.40
C CYS B 396 -12.10 7.90 17.55
N SER B 397 -12.67 7.16 18.51
N SER B 397 -12.71 7.15 18.48
CA SER B 397 -13.38 7.71 19.66
CA SER B 397 -13.42 7.71 19.62
C SER B 397 -12.45 8.38 20.65
C SER B 397 -12.48 8.37 20.63
N ASP B 398 -11.22 7.90 20.76
CA ASP B 398 -10.21 8.63 21.52
C ASP B 398 -9.64 9.84 20.78
N GLU B 399 -10.15 10.14 19.58
CA GLU B 399 -9.77 11.32 18.78
C GLU B 399 -8.44 11.20 18.02
N THR B 400 -7.77 10.06 18.10
CA THR B 400 -6.72 9.75 17.15
C THR B 400 -7.34 9.58 15.76
N ILE B 401 -6.61 10.00 14.74
CA ILE B 401 -7.03 9.85 13.35
C ILE B 401 -6.04 8.84 12.73
N TRP B 402 -6.52 7.62 12.51
CA TRP B 402 -5.71 6.53 11.98
C TRP B 402 -5.61 6.65 10.46
N LEU B 403 -4.39 6.71 9.93
CA LEU B 403 -4.18 6.92 8.49
C LEU B 403 -3.74 5.69 7.77
N GLU B 404 -4.21 5.52 6.53
CA GLU B 404 -3.64 4.50 5.64
C GLU B 404 -3.24 5.18 4.39
N PRO B 405 -2.14 4.74 3.80
CA PRO B 405 -1.64 5.39 2.60
C PRO B 405 -2.21 4.85 1.30
N GLU B 406 -2.11 5.68 0.27
CA GLU B 406 -2.12 5.27 -1.11
C GLU B 406 -0.66 5.04 -1.53
N VAL B 407 -0.37 3.83 -2.00
CA VAL B 407 0.97 3.48 -2.38
C VAL B 407 1.15 3.95 -3.81
N LEU B 408 2.19 4.75 -4.05
CA LEU B 408 2.45 5.29 -5.37
C LEU B 408 3.51 4.46 -6.13
N PHE B 409 4.43 3.83 -5.39
CA PHE B 409 5.49 3.02 -5.98
C PHE B 409 6.06 2.06 -4.96
N SER B 410 6.26 0.81 -5.39
CA SER B 410 6.74 -0.24 -4.55
C SER B 410 7.47 -1.32 -5.36
N GLY B 411 8.73 -1.59 -5.03
CA GLY B 411 9.52 -2.61 -5.72
C GLY B 411 10.43 -3.28 -4.68
N PRO B 412 10.71 -4.60 -4.84
CA PRO B 412 11.46 -5.36 -3.82
C PRO B 412 12.90 -4.88 -3.61
N ARG B 413 13.14 -4.22 -2.48
CA ARG B 413 14.44 -3.59 -2.19
C ARG B 413 14.89 -2.61 -3.26
N GLN B 414 13.91 -2.05 -3.97
CA GLN B 414 14.09 -1.07 -5.05
C GLN B 414 13.49 0.23 -4.55
N ALA B 415 14.35 1.08 -3.96
CA ALA B 415 13.90 2.35 -3.37
C ALA B 415 13.86 3.47 -4.40
N PHE B 416 12.71 4.15 -4.49
CA PHE B 416 12.66 5.45 -5.15
C PHE B 416 13.05 6.43 -4.05
N GLU B 417 14.28 6.94 -4.12
CA GLU B 417 14.85 7.74 -3.05
C GLU B 417 15.47 9.03 -3.62
N PHE B 418 16.01 9.84 -2.71
CA PHE B 418 16.54 11.17 -3.03
C PHE B 418 15.60 11.90 -3.97
N PRO B 419 14.34 12.08 -3.55
CA PRO B 419 13.34 12.68 -4.46
C PRO B 419 13.59 14.15 -4.72
N GLN B 420 13.28 14.58 -5.93
CA GLN B 420 13.33 15.96 -6.35
C GLN B 420 12.12 16.24 -7.24
N ILE B 421 11.66 17.48 -7.21
CA ILE B 421 10.57 17.94 -8.07
C ILE B 421 11.03 19.23 -8.78
N ASN B 422 10.18 19.80 -9.61
CA ASN B 422 10.35 21.15 -10.12
C ASN B 422 9.95 22.07 -8.96
N TYR B 423 10.93 22.33 -8.11
CA TYR B 423 10.68 22.88 -6.79
C TYR B 423 10.24 24.34 -6.82
N GLN B 424 10.90 25.14 -7.64
CA GLN B 424 10.65 26.57 -7.65
C GLN B 424 9.23 26.94 -8.01
N LYS B 425 8.62 26.19 -8.92
CA LYS B 425 7.25 26.44 -9.31
C LYS B 425 6.20 25.49 -8.69
N TYR B 426 6.59 24.31 -8.18
CA TYR B 426 5.61 23.34 -7.64
C TYR B 426 5.81 22.90 -6.20
N GLY B 427 6.91 23.29 -5.58
CA GLY B 427 7.06 23.10 -4.13
C GLY B 427 5.92 23.68 -3.34
N GLY B 428 5.31 22.84 -2.50
CA GLY B 428 4.19 23.21 -1.66
C GLY B 428 2.89 23.29 -2.37
N LYS B 429 2.86 22.87 -3.64
CA LYS B 429 1.69 23.07 -4.51
C LYS B 429 1.27 21.77 -5.23
N PRO B 430 0.01 21.71 -5.69
CA PRO B 430 -0.40 20.60 -6.53
C PRO B 430 0.60 20.32 -7.65
N TYR B 431 0.91 19.04 -7.84
CA TYR B 431 1.99 18.67 -8.76
C TYR B 431 1.70 17.29 -9.30
N THR B 432 2.49 16.89 -10.27
CA THR B 432 2.35 15.61 -10.96
C THR B 432 3.61 14.76 -11.00
N TYR B 433 4.80 15.34 -10.96
CA TYR B 433 6.02 14.58 -11.22
C TYR B 433 7.09 14.68 -10.12
N ALA B 434 7.68 13.52 -9.81
CA ALA B 434 8.87 13.45 -8.97
C ALA B 434 9.97 12.67 -9.69
N TYR B 435 11.22 13.09 -9.49
CA TYR B 435 12.40 12.42 -9.99
C TYR B 435 13.14 11.83 -8.76
N GLY B 436 13.77 10.68 -8.95
CA GLY B 436 14.44 10.00 -7.87
C GLY B 436 15.66 9.26 -8.28
N LEU B 437 16.50 8.98 -7.30
CA LEU B 437 17.59 8.03 -7.42
C LEU B 437 17.08 6.64 -7.01
N GLY B 438 17.28 5.66 -7.88
CA GLY B 438 16.83 4.27 -7.61
C GLY B 438 17.89 3.46 -6.94
N LEU B 439 17.57 2.96 -5.75
CA LEU B 439 18.48 2.12 -4.99
C LEU B 439 18.07 0.65 -5.10
N ASN B 440 19.08 -0.19 -5.32
CA ASN B 440 18.91 -1.63 -5.49
C ASN B 440 19.65 -2.31 -4.36
N HIS B 441 18.94 -2.77 -3.34
CA HIS B 441 19.56 -3.24 -2.09
C HIS B 441 20.58 -2.21 -1.59
N PHE B 442 20.17 -0.92 -1.58
CA PHE B 442 20.97 0.27 -1.16
C PHE B 442 22.00 0.79 -2.17
N VAL B 443 22.23 0.07 -3.26
CA VAL B 443 23.20 0.48 -4.26
C VAL B 443 22.48 1.34 -5.28
N PRO B 444 22.95 2.58 -5.49
CA PRO B 444 22.32 3.45 -6.50
C PRO B 444 22.65 3.01 -7.90
N ASP B 445 21.66 2.60 -8.68
CA ASP B 445 21.98 2.09 -10.00
C ASP B 445 21.09 2.55 -11.14
N ARG B 446 20.24 3.54 -10.90
CA ARG B 446 19.32 4.02 -11.95
C ARG B 446 18.73 5.34 -11.57
N LEU B 447 18.13 5.99 -12.55
CA LEU B 447 17.36 7.22 -12.29
C LEU B 447 15.91 6.96 -12.64
N CYS B 448 15.00 7.60 -11.91
CA CYS B 448 13.56 7.35 -12.00
C CYS B 448 12.71 8.61 -12.09
N LYS B 449 11.58 8.47 -12.76
CA LYS B 449 10.57 9.49 -12.79
C LYS B 449 9.25 8.81 -12.48
N LEU B 450 8.43 9.47 -11.66
CA LEU B 450 7.17 8.94 -11.17
C LEU B 450 6.09 9.97 -11.40
N ASN B 451 5.03 9.57 -12.11
CA ASN B 451 3.86 10.38 -12.21
C ASN B 451 3.01 10.01 -11.00
N VAL B 452 2.87 10.95 -10.06
CA VAL B 452 2.19 10.67 -8.80
C VAL B 452 0.67 10.57 -8.92
N LYS B 453 0.09 11.02 -10.04
CA LYS B 453 -1.34 10.85 -10.33
C LYS B 453 -1.66 9.51 -10.98
N THR B 454 -0.87 9.11 -11.98
CA THR B 454 -1.14 7.90 -12.72
C THR B 454 -0.32 6.71 -12.25
N LYS B 455 0.70 6.94 -11.42
CA LYS B 455 1.67 5.89 -11.01
C LYS B 455 2.54 5.33 -12.12
N GLU B 456 2.52 5.95 -13.28
CA GLU B 456 3.44 5.61 -14.31
C GLU B 456 4.90 5.95 -13.89
N THR B 457 5.85 5.08 -14.26
CA THR B 457 7.26 5.33 -14.06
C THR B 457 8.06 5.26 -15.36
N TRP B 458 9.23 5.91 -15.32
CA TRP B 458 10.25 5.88 -16.38
C TRP B 458 11.56 5.57 -15.69
N VAL B 459 12.42 4.83 -16.37
CA VAL B 459 13.75 4.47 -15.80
C VAL B 459 14.83 4.80 -16.81
N TRP B 460 15.95 5.32 -16.31
CA TRP B 460 17.20 5.37 -17.03
C TRP B 460 18.22 4.54 -16.28
N GLN B 461 18.94 3.69 -17.01
CA GLN B 461 19.91 2.81 -16.39
C GLN B 461 20.90 2.21 -17.43
N GLU B 462 22.18 2.22 -17.09
CA GLU B 462 23.20 1.49 -17.82
C GLU B 462 23.93 0.50 -16.87
N PRO B 463 24.50 -0.59 -17.44
CA PRO B 463 25.28 -1.52 -16.64
C PRO B 463 26.44 -0.83 -15.97
N ASP B 464 26.78 -1.25 -14.75
CA ASP B 464 27.97 -0.81 -14.04
C ASP B 464 28.07 0.72 -13.93
N SER B 465 26.91 1.37 -13.76
CA SER B 465 26.81 2.81 -13.64
C SER B 465 26.01 3.22 -12.40
N TYR B 466 26.63 4.02 -11.55
CA TYR B 466 26.11 4.38 -10.24
C TYR B 466 25.80 5.89 -10.13
N PRO B 467 24.52 6.29 -10.35
CA PRO B 467 24.15 7.71 -10.31
C PRO B 467 23.92 8.32 -8.94
N SER B 468 23.76 9.63 -8.95
CA SER B 468 23.42 10.42 -7.76
C SER B 468 21.99 10.93 -7.93
N GLU B 469 21.49 11.51 -6.85
CA GLU B 469 20.26 12.28 -6.85
C GLU B 469 20.17 13.13 -8.12
N PRO B 470 19.04 13.06 -8.83
CA PRO B 470 18.82 13.85 -10.01
C PRO B 470 18.30 15.23 -9.62
N ILE B 471 18.83 16.31 -10.16
CA ILE B 471 18.30 17.63 -9.87
C ILE B 471 17.68 18.23 -11.09
N PHE B 472 16.46 18.77 -10.90
CA PHE B 472 15.67 19.35 -11.98
C PHE B 472 16.02 20.79 -12.30
N VAL B 473 16.21 21.10 -13.56
CA VAL B 473 16.36 22.49 -14.03
C VAL B 473 15.34 22.76 -15.14
N SER B 474 14.49 23.75 -14.90
CA SER B 474 13.50 24.22 -15.84
C SER B 474 14.11 24.86 -17.06
N HIS B 475 13.51 24.58 -18.20
CA HIS B 475 13.71 25.34 -19.42
C HIS B 475 13.16 26.76 -19.21
N PRO B 476 13.87 27.81 -19.69
CA PRO B 476 13.42 29.21 -19.50
C PRO B 476 12.02 29.56 -20.03
N ASP B 477 11.59 28.89 -21.07
CA ASP B 477 10.27 29.02 -21.69
C ASP B 477 9.31 27.86 -21.35
N ALA B 478 9.49 27.20 -20.21
CA ALA B 478 8.69 26.06 -19.83
C ALA B 478 7.22 26.41 -19.73
N LEU B 479 6.38 25.56 -20.28
CA LEU B 479 4.92 25.66 -20.13
C LEU B 479 4.43 24.57 -19.17
N GLU B 480 4.94 23.36 -19.35
N GLU B 480 5.01 23.38 -19.29
CA GLU B 480 4.57 22.25 -18.49
CA GLU B 480 4.61 22.23 -18.48
C GLU B 480 5.48 22.15 -17.27
C GLU B 480 5.58 22.01 -17.35
N GLU B 481 5.10 21.29 -16.34
CA GLU B 481 5.85 21.01 -15.12
C GLU B 481 7.19 20.30 -15.34
N ASP B 482 7.25 19.43 -16.35
CA ASP B 482 8.45 18.67 -16.67
C ASP B 482 9.15 19.14 -17.96
N ASP B 483 9.04 20.42 -18.31
CA ASP B 483 9.79 21.03 -19.40
C ASP B 483 11.14 21.45 -18.86
N GLY B 484 12.10 20.53 -18.89
CA GLY B 484 13.44 20.81 -18.42
C GLY B 484 14.34 19.62 -18.49
N VAL B 485 15.41 19.65 -17.72
CA VAL B 485 16.30 18.48 -17.65
C VAL B 485 16.51 18.07 -16.21
N VAL B 486 17.03 16.87 -16.02
CA VAL B 486 17.64 16.51 -14.76
C VAL B 486 19.15 16.28 -14.96
N LEU B 487 19.91 16.63 -13.93
CA LEU B 487 21.35 16.47 -13.88
C LEU B 487 21.69 15.46 -12.79
N SER B 488 22.61 14.56 -13.06
CA SER B 488 23.04 13.56 -12.09
C SER B 488 24.50 13.29 -12.33
N VAL B 489 25.23 12.97 -11.27
CA VAL B 489 26.65 12.64 -11.36
C VAL B 489 26.73 11.14 -11.29
N VAL B 490 27.34 10.52 -12.31
CA VAL B 490 27.38 9.05 -12.46
C VAL B 490 28.81 8.52 -12.36
N VAL B 491 29.00 7.52 -11.49
CA VAL B 491 30.27 6.83 -11.35
C VAL B 491 30.21 5.60 -12.24
N SER B 492 31.18 5.45 -13.13
CA SER B 492 31.20 4.38 -14.17
C SER B 492 32.57 3.70 -14.19
N PRO B 493 32.82 2.80 -13.22
CA PRO B 493 34.17 2.24 -13.07
C PRO B 493 34.57 1.14 -14.06
N GLY B 494 33.66 0.71 -14.93
CA GLY B 494 34.01 -0.23 -16.00
C GLY B 494 35.25 0.25 -16.76
N ALA B 495 36.19 -0.67 -16.98
CA ALA B 495 37.52 -0.37 -17.55
C ALA B 495 37.52 0.09 -19.03
N GLY B 496 36.41 -0.14 -19.75
CA GLY B 496 36.22 0.47 -21.07
C GLY B 496 35.59 1.88 -21.09
N GLN B 497 35.72 2.62 -19.99
CA GLN B 497 35.02 3.91 -19.83
C GLN B 497 35.85 4.82 -18.95
N LYS B 498 35.70 6.14 -19.14
CA LYS B 498 36.21 7.11 -18.16
C LYS B 498 35.54 6.88 -16.78
N PRO B 499 36.20 7.26 -15.66
CA PRO B 499 35.68 6.91 -14.34
C PRO B 499 34.31 7.47 -13.92
N ALA B 500 33.90 8.61 -14.49
CA ALA B 500 32.69 9.30 -14.04
C ALA B 500 32.23 10.32 -15.06
N TYR B 501 30.97 10.73 -14.93
CA TYR B 501 30.45 11.74 -15.83
C TYR B 501 29.25 12.49 -15.29
N LEU B 502 29.05 13.69 -15.79
CA LEU B 502 27.82 14.37 -15.58
C LEU B 502 26.79 13.92 -16.62
N LEU B 503 25.61 13.47 -16.17
CA LEU B 503 24.54 13.02 -17.06
C LEU B 503 23.44 14.06 -17.13
N ILE B 504 22.99 14.37 -18.34
CA ILE B 504 21.84 15.24 -18.53
C ILE B 504 20.75 14.44 -19.22
N LEU B 505 19.59 14.34 -18.56
CA LEU B 505 18.43 13.63 -19.12
C LEU B 505 17.32 14.63 -19.38
N ASN B 506 16.58 14.40 -20.45
CA ASN B 506 15.34 15.15 -20.67
C ASN B 506 14.31 14.75 -19.64
N ALA B 507 13.78 15.73 -18.92
CA ALA B 507 12.79 15.46 -17.86
C ALA B 507 11.49 14.87 -18.37
N LYS B 508 11.15 15.06 -19.65
CA LYS B 508 9.91 14.51 -20.22
C LYS B 508 9.81 13.02 -20.14
N ASP B 509 10.87 12.34 -20.56
CA ASP B 509 10.87 10.87 -20.66
C ASP B 509 12.16 10.22 -20.18
N LEU B 510 13.04 10.96 -19.51
CA LEU B 510 14.34 10.46 -19.10
C LEU B 510 15.25 9.93 -20.21
N SER B 511 15.08 10.39 -21.44
CA SER B 511 16.03 10.06 -22.50
C SER B 511 17.27 10.95 -22.34
N GLU B 512 18.42 10.36 -22.64
CA GLU B 512 19.69 11.05 -22.50
C GLU B 512 19.82 12.20 -23.51
N VAL B 513 20.24 13.36 -23.02
CA VAL B 513 20.47 14.54 -23.83
C VAL B 513 21.98 14.74 -24.05
N ALA B 514 22.80 14.41 -23.06
CA ALA B 514 24.26 14.60 -23.12
C ALA B 514 24.94 13.98 -21.93
N ARG B 515 26.26 13.79 -22.04
CA ARG B 515 27.09 13.57 -20.89
C ARG B 515 28.43 14.25 -20.99
N ALA B 516 29.02 14.56 -19.82
CA ALA B 516 30.28 15.26 -19.71
C ALA B 516 31.24 14.43 -18.85
N GLU B 517 32.14 13.69 -19.53
CA GLU B 517 33.03 12.76 -18.86
C GLU B 517 34.27 13.43 -18.30
N VAL B 518 34.69 12.96 -17.13
CA VAL B 518 35.89 13.44 -16.49
C VAL B 518 36.82 12.24 -16.28
N GLU B 519 38.13 12.51 -16.18
CA GLU B 519 39.14 11.46 -16.15
C GLU B 519 39.53 11.04 -14.72
N ILE B 520 38.84 11.54 -13.71
CA ILE B 520 39.07 11.14 -12.33
C ILE B 520 37.81 10.49 -11.72
N ASN B 521 38.00 9.74 -10.64
CA ASN B 521 36.88 9.18 -9.90
C ASN B 521 36.15 10.28 -9.12
N ILE B 522 34.86 10.04 -8.89
CA ILE B 522 34.02 10.85 -8.01
C ILE B 522 33.39 9.89 -7.01
N PRO B 523 33.45 10.20 -5.70
CA PRO B 523 32.73 9.33 -4.78
C PRO B 523 31.25 9.70 -4.68
N VAL B 524 30.53 8.92 -3.88
CA VAL B 524 29.12 9.17 -3.61
C VAL B 524 28.91 10.63 -3.18
N THR B 525 27.81 11.23 -3.67
CA THR B 525 27.31 12.51 -3.20
C THR B 525 25.85 12.36 -2.82
N PHE B 526 25.41 13.19 -1.89
CA PHE B 526 24.08 13.08 -1.33
C PHE B 526 23.10 14.08 -1.93
N HIS B 527 23.31 15.37 -1.66
CA HIS B 527 22.40 16.39 -2.11
C HIS B 527 23.12 17.57 -2.67
N GLY B 528 22.34 18.43 -3.30
CA GLY B 528 22.89 19.64 -3.89
C GLY B 528 21.87 20.55 -4.48
N LEU B 529 22.33 21.44 -5.34
CA LEU B 529 21.45 22.41 -6.02
C LEU B 529 22.08 22.84 -7.33
N PHE B 530 21.26 23.41 -8.17
CA PHE B 530 21.72 24.10 -9.36
C PHE B 530 21.60 25.61 -9.12
N LYS B 531 22.70 26.33 -9.29
CA LYS B 531 22.75 27.75 -9.06
C LYS B 531 22.85 28.39 -10.46
N LYS B 532 21.79 29.07 -10.86
CA LYS B 532 21.75 29.77 -12.13
C LYS B 532 22.65 30.99 -12.10
N SER B 533 23.41 31.17 -13.16
CA SER B 533 24.18 32.39 -13.36
C SER B 533 23.77 32.98 -14.73
FE FE2 C . -18.86 -13.72 -0.75
C1 PLM D . -21.31 -12.45 -0.37
O1 PLM D . -22.36 -12.15 0.25
O2 PLM D . -20.74 -13.58 -0.27
C2 PLM D . -20.75 -11.41 -1.31
C3 PLM D . -20.97 -9.96 -0.82
C4 PLM D . -19.99 -9.60 0.29
C5 PLM D . -19.56 -8.15 0.18
C6 PLM D . -18.43 -7.90 -0.82
C7 PLM D . -17.94 -6.45 -0.69
C8 PLM D . -19.01 -5.38 -0.87
C9 PLM D . -19.82 -5.64 -2.14
CA PLM D . -20.88 -4.60 -2.36
CB PLM D . -21.47 -4.89 -3.72
CC PLM D . -22.96 -5.08 -3.66
CD PLM D . -23.64 -4.75 -4.98
CE PLM D . -23.01 -5.51 -6.15
CF PLM D . -22.91 -7.01 -5.98
CG PLM D . -22.73 -7.69 -7.33
C16 8D7 E . -25.58 -13.61 7.13
C10 8D7 E . -28.34 -13.60 7.19
C8 8D7 E . -26.26 -13.87 8.32
C7 8D7 E . -24.16 -14.12 9.59
C6 8D7 E . -24.95 -11.41 13.20
C5 8D7 E . -24.36 -12.14 11.98
O1 8D7 E . -25.03 -14.23 4.05
C13 8D7 E . -25.61 -13.06 4.61
C14 8D7 E . -24.45 -12.09 4.79
C15 8D7 E . -23.85 -11.72 3.43
N 8D7 E . -23.16 -12.82 2.74
C12 8D7 E . -26.29 -13.32 5.96
C11 8D7 E . -27.68 -13.35 6.00
C9 8D7 E . -27.65 -13.86 8.35
O 8D7 E . -25.59 -14.13 9.50
C3 8D7 E . -23.77 -14.46 11.02
C4 8D7 E . -24.52 -13.63 12.08
C2 8D7 E . -23.96 -15.96 11.26
C1 8D7 E . -23.63 -16.43 12.69
C 8D7 E . -23.69 -17.90 12.86
NA NA F . -15.55 -0.47 -23.36
O1 PG6 G . -19.83 0.39 -26.15
C2 PG6 G . -18.42 0.27 -25.90
C3 PG6 G . -17.81 1.56 -25.39
O2 PG6 G . -17.15 1.35 -24.13
C4 PG6 G . -17.62 2.11 -23.00
C5 PG6 G . -16.52 2.70 -22.16
O3 PG6 G . -15.70 1.67 -21.60
C6 PG6 G . -14.32 2.06 -21.40
C7 PG6 G . -13.47 0.91 -20.91
O4 PG6 G . -13.35 -0.06 -21.92
C8 PG6 G . -12.68 -1.26 -21.53
C9 PG6 G . -12.72 -2.25 -22.66
O5 PG6 G . -14.06 -2.65 -23.00
C10 PG6 G . -14.12 -3.72 -23.97
C11 PG6 G . -15.47 -3.81 -24.67
O6 PG6 G . -16.28 -2.64 -24.54
FE FE2 H . 18.71 13.62 2.83
C1 PLM I . 21.07 12.29 3.45
O1 PLM I . 20.36 13.35 3.44
O2 PLM I . 22.04 12.12 4.22
C2 PLM I . 20.75 11.21 2.46
C3 PLM I . 20.79 9.80 3.10
C4 PLM I . 19.52 9.57 3.90
C5 PLM I . 19.09 8.13 3.78
C6 PLM I . 18.31 7.86 2.52
C7 PLM I . 17.86 6.41 2.41
C8 PLM I . 18.99 5.39 2.50
C9 PLM I . 20.02 5.74 1.46
CA PLM I . 20.97 4.59 1.25
CB PLM I . 21.84 4.93 0.05
CC PLM I . 23.28 5.11 0.42
CD PLM I . 24.22 4.84 -0.74
CE PLM I . 23.82 5.63 -1.98
CF PLM I . 23.67 7.15 -1.82
CG PLM I . 23.72 7.86 -3.18
C16 8D7 J . 23.94 13.49 11.71
C10 8D7 J . 26.65 13.46 12.27
C8 8D7 J . 24.40 13.70 13.03
C7 8D7 J . 22.09 13.85 13.90
C6 8D7 J . 22.41 11.30 17.62
C5 8D7 J . 21.94 11.93 16.34
O1 8D7 J . 23.83 14.20 8.64
C13 8D7 J . 24.42 13.03 9.23
C14 8D7 J . 23.36 11.93 9.17
C15 8D7 J . 23.06 11.57 7.72
N 8D7 J . 22.47 12.66 6.94
C12 8D7 J . 24.86 13.25 10.68
C11 8D7 J . 26.21 13.24 10.99
C9 8D7 J . 25.75 13.68 13.30
O 8D7 J . 23.51 13.91 14.07
C3 8D7 J . 21.43 14.18 15.22
C4 8D7 J . 21.95 13.43 16.44
C2 8D7 J . 21.51 15.70 15.45
C1 8D7 J . 21.22 16.14 16.89
C 8D7 J . 20.94 17.58 17.02
O1 PG6 K . 21.28 -1.37 -20.37
C2 PG6 K . 21.19 -2.15 -19.16
C3 PG6 K . 19.74 -2.45 -18.82
O2 PG6 K . 18.89 -1.29 -18.93
C4 PG6 K . 17.50 -1.63 -18.77
C5 PG6 K . 16.73 -0.39 -18.37
O3 PG6 K . 16.98 0.62 -19.34
C6 PG6 K . 16.17 1.75 -19.07
C7 PG6 K . 16.56 2.81 -20.10
O4 PG6 K . 17.97 3.00 -20.09
C8 PG6 K . 18.32 3.94 -21.10
C9 PG6 K . 19.83 3.98 -21.21
O5 PG6 K . 20.33 2.68 -21.63
NA NA L . 19.52 0.80 -20.30
#